data_8UA6
#
_entry.id   8UA6
#
loop_
_entity.id
_entity.type
_entity.pdbx_description
1 polymer 'F-box only protein 22'
2 polymer 'Transcription regulator protein BACH1'
3 polymer 'S-phase kinase-associated protein 1'
4 polymer Cullin-1
#
loop_
_entity_poly.entity_id
_entity_poly.type
_entity_poly.pdbx_seq_one_letter_code
_entity_poly.pdbx_strand_id
1 'polypeptide(L)'
;MEPVGCCGECRGSSVDPRSTFVLSNLAEVVERVLTFLPAKALLRVACVCRLWRECVRRVLRTHRSVTWISAGLAEAGHLE
GHCLVRVVAEELENVRILPHTVLYMADSETFISLEECRGHKRARKRTSMETALALEKLFPKQCQVLGIVTPGIVVTPMGS
GSNRPQEIEIGESGFALLFPQIEGIKIQPFHFIKDPKNLTLERHQLTEVGLLDNPELRVVLVFGYNCCKVGASNYLQQVV
STFSDMNIILAGGQVDNLSSLTSEKNPLDIDASGVVGLSFSGHRIQSATVLLNEDVSDEKTAEAAMQRLKAANIPEHNTI
GFMFACVGRGFQYYRAKGNVEADAFRKFFPSVPLFGFFGNGEIGCDRIVTGNFILRKCNEVKDDDLFHSYTTIMALIHLG
SSK
;
C
2 'polypeptide(L)'
;SVFAYESSVHSTNVLLSLNDQRKKDVLCDVTIFVEGQRFRAHRSVLAACSSYFHSRIVGQADGELNITLPEEVTVKGFEP
LIQFAYTAKLILSKENVDEVCKCVEFLSVHNIEESCFQFLKF
;
D,E
3 'polypeptide(L)'
;MPSIKLQSSDGEIFEVDVEIAKQSVTIKTMLEDLGMDDEGDDDPVPLPNVNAAILKKVIQWCTHHKDDPPPPEDDENKEK
RTDDIPVWDQEFLKVDQGTLFELILAANYLDIKGLLDVTCKTVANMIKGKTPEEIRKTFNIKNDFTEEEEAQVGSTQFCL
;
B
4 'polypeptide(L)'
;KQIGLDQIWDDLRAGIQQVYTRQSMAKSRYMELYTHVYNYCTSVHQSNQARGAGVPPSKSKKGQTPGGAQFVGLELYKRL
KEFLKNYLTNLLKDGEDLMDESVLKFYTQQWEDYRFSSKVLNGICAYLNRHWVRRECDEGRKGIYEIYSLALVTWRDCLF
RPLNKQVTNAVLKLIEKERNGETINTRLISGVVQSYVELGLNEDDAFAKGPTLTVYKESFESQFLADTERFYTRESTEFL
QQNPVTEYMKKAEARLLEEQRRVQVYLHESTQDELARKCEQVLIEKHLEIFHTEFQNLLDADKNEDLGRMYNLVSRIQDG
LGELKKLLETHIHNQGLAAIEKCGEAALNDPKMYVQTVLDVHKKYNALVMSAFNNDAGFVAALDKACGRFINNNAVTKMA
QSSSKSPELLARYCDSLLKKSSKNPEEAELEDTLNQVMVVFKYIEDKDVFQKFYAKMLAKRLVHQNSASDDAEASMISKL
KQACGFEYTSKLQRMFQDIGVSKDLNEQFKKHLTNSEPLDLDFSIQVLSSGSWPFQQSCTFALPSELERSYQRFTAFYAS
RHSGRKLTWLYQLSKGELVTNCFKNRYTLQASTFQMAILLQYNTEDAYTVQQLTDSTQIKMDILAQVLQILLKSKLLVLE
DENANVDEVELKPDTLIKLYLGYKNKKLRVNINVPMKTEQKQEQETTHKNIEEDRKLLIQAAIVRIMKMRKVLKHQQLLG
EVLTQLSSRFKPRVPVIKKCIDILIEKEYLERVDGEKDTYSYLA
;
A
#
# COMPACT_ATOMS: atom_id res chain seq x y z
N ASP A 16 23.06 46.94 -20.07
CA ASP A 16 24.38 46.57 -20.57
C ASP A 16 24.83 45.18 -20.10
N PRO A 17 24.62 44.82 -18.81
CA PRO A 17 24.95 43.45 -18.39
C PRO A 17 24.17 42.40 -19.16
N ARG A 18 24.55 41.14 -18.97
CA ARG A 18 24.03 40.04 -19.79
C ARG A 18 22.54 39.81 -19.58
N SER A 19 22.05 39.90 -18.35
CA SER A 19 20.66 39.49 -18.11
C SER A 19 19.67 40.56 -18.57
N THR A 20 19.82 40.98 -19.82
CA THR A 20 18.71 41.57 -20.56
C THR A 20 18.19 40.44 -21.42
N PHE A 21 19.10 39.52 -21.73
CA PHE A 21 18.81 38.24 -22.38
C PHE A 21 18.35 37.22 -21.35
N VAL A 22 19.18 36.97 -20.34
CA VAL A 22 19.01 35.85 -19.41
C VAL A 22 17.77 36.01 -18.55
N LEU A 23 17.61 37.19 -17.94
CA LEU A 23 16.59 37.36 -16.92
C LEU A 23 15.25 37.64 -17.59
N SER A 24 15.25 37.72 -18.93
CA SER A 24 14.02 37.99 -19.66
C SER A 24 13.65 36.91 -20.67
N ASN A 25 14.53 35.97 -20.97
CA ASN A 25 14.21 34.92 -21.93
C ASN A 25 14.33 33.53 -21.29
N LEU A 26 15.42 33.29 -20.56
CA LEU A 26 15.65 31.99 -19.95
C LEU A 26 14.56 31.69 -18.91
N ALA A 27 13.68 30.75 -19.23
CA ALA A 27 12.52 30.51 -18.38
C ALA A 27 12.92 29.80 -17.09
N GLU A 28 13.86 28.87 -17.16
CA GLU A 28 14.20 28.06 -16.01
C GLU A 28 14.93 28.84 -14.93
N VAL A 29 15.51 29.98 -15.30
CA VAL A 29 16.21 30.83 -14.34
C VAL A 29 15.28 31.85 -13.70
N VAL A 30 14.16 32.17 -14.35
CA VAL A 30 13.19 33.09 -13.78
C VAL A 30 12.27 32.28 -12.88
N GLU A 31 12.30 30.96 -13.01
CA GLU A 31 11.49 30.09 -12.18
C GLU A 31 12.17 29.84 -10.84
N ARG A 32 13.47 29.54 -10.86
CA ARG A 32 14.17 29.36 -9.59
C ARG A 32 14.71 30.69 -9.09
N VAL A 33 13.88 31.73 -9.13
CA VAL A 33 14.16 32.99 -8.46
C VAL A 33 12.92 33.37 -7.66
N LEU A 34 11.76 33.33 -8.32
CA LEU A 34 10.51 33.77 -7.74
C LEU A 34 10.00 32.80 -6.69
N THR A 35 10.64 31.64 -6.56
CA THR A 35 10.36 30.74 -5.46
C THR A 35 10.97 31.24 -4.15
N PHE A 36 12.04 32.01 -4.24
CA PHE A 36 12.75 32.51 -3.06
C PHE A 36 12.27 33.92 -2.77
N LEU A 37 10.95 34.04 -2.59
CA LEU A 37 10.32 35.33 -2.32
C LEU A 37 9.13 35.09 -1.42
N PRO A 38 8.78 36.06 -0.57
CA PRO A 38 7.53 35.95 0.19
C PRO A 38 6.35 36.00 -0.77
N ALA A 39 5.23 35.40 -0.35
CA ALA A 39 4.05 35.28 -1.20
C ALA A 39 3.64 36.62 -1.76
N LYS A 40 3.73 37.67 -0.96
CA LYS A 40 3.23 38.98 -1.38
C LYS A 40 4.12 39.58 -2.45
N ALA A 41 5.43 39.39 -2.33
CA ALA A 41 6.35 39.80 -3.38
C ALA A 41 6.16 39.01 -4.66
N LEU A 42 5.74 37.75 -4.56
CA LEU A 42 5.50 36.93 -5.74
C LEU A 42 4.38 37.48 -6.61
N LEU A 43 3.43 38.22 -6.04
CA LEU A 43 2.39 38.88 -6.81
C LEU A 43 2.76 40.32 -7.16
N ARG A 44 3.91 40.81 -6.70
CA ARG A 44 4.38 42.13 -7.08
C ARG A 44 5.14 42.06 -8.40
N VAL A 45 6.06 41.09 -8.50
CA VAL A 45 6.90 40.95 -9.68
C VAL A 45 6.10 40.30 -10.81
N ALA A 46 4.86 39.93 -10.52
CA ALA A 46 3.97 39.35 -11.54
C ALA A 46 3.72 40.35 -12.66
N CYS A 47 3.96 41.63 -12.39
CA CYS A 47 3.85 42.68 -13.39
C CYS A 47 5.21 43.29 -13.73
N VAL A 48 6.26 42.48 -13.87
CA VAL A 48 7.55 42.96 -14.35
C VAL A 48 7.51 42.98 -15.86
N CYS A 49 7.27 41.82 -16.48
CA CYS A 49 7.08 41.73 -17.92
C CYS A 49 6.13 40.58 -18.22
N ARG A 50 6.06 40.16 -19.49
CA ARG A 50 5.16 39.09 -19.89
C ARG A 50 5.63 37.70 -19.52
N LEU A 51 6.94 37.44 -19.55
CA LEU A 51 7.45 36.12 -19.19
C LEU A 51 7.37 35.88 -17.68
N TRP A 52 7.57 36.93 -16.89
CA TRP A 52 7.54 36.82 -15.44
C TRP A 52 6.16 36.40 -14.96
N ARG A 53 5.11 36.84 -15.65
CA ARG A 53 3.75 36.47 -15.29
C ARG A 53 3.56 34.96 -15.32
N GLU A 54 4.00 34.32 -16.39
CA GLU A 54 3.87 32.88 -16.54
C GLU A 54 4.64 32.18 -15.43
N CYS A 55 5.85 32.69 -15.13
CA CYS A 55 6.66 32.10 -14.06
C CYS A 55 5.96 32.22 -12.71
N VAL A 56 5.31 33.35 -12.46
CA VAL A 56 4.60 33.53 -11.19
C VAL A 56 3.47 32.50 -11.06
N ARG A 57 2.72 32.29 -12.14
CA ARG A 57 1.61 31.34 -12.08
C ARG A 57 2.10 29.93 -11.82
N ARG A 58 3.19 29.52 -12.48
CA ARG A 58 3.70 28.16 -12.28
C ARG A 58 4.16 27.95 -10.85
N VAL A 59 4.86 28.94 -10.29
CA VAL A 59 5.38 28.85 -8.93
C VAL A 59 4.21 28.83 -7.95
N LEU A 60 3.15 29.60 -8.26
CA LEU A 60 1.96 29.65 -7.42
C LEU A 60 1.05 28.46 -7.66
N ARG A 61 1.54 27.44 -8.37
CA ARG A 61 0.79 26.20 -8.52
C ARG A 61 1.47 25.02 -7.84
N THR A 62 2.75 25.10 -7.53
CA THR A 62 3.43 24.05 -6.75
C THR A 62 3.38 24.39 -5.25
N HIS A 63 2.17 24.69 -4.79
CA HIS A 63 1.92 25.06 -3.41
C HIS A 63 0.86 24.15 -2.84
N ARG A 64 1.29 23.10 -2.16
CA ARG A 64 0.37 22.07 -1.69
C ARG A 64 0.54 21.83 -0.20
N SER A 65 0.89 22.87 0.55
CA SER A 65 1.14 22.76 1.98
C SER A 65 0.30 23.78 2.73
N VAL A 66 -0.34 23.33 3.80
CA VAL A 66 -1.11 24.22 4.66
C VAL A 66 -0.17 24.93 5.62
N THR A 67 -0.44 26.22 5.86
CA THR A 67 0.37 27.04 6.75
C THR A 67 -0.52 27.68 7.79
N TRP A 68 -0.04 27.69 9.04
CA TRP A 68 -0.83 28.17 10.16
C TRP A 68 -0.11 29.29 10.89
N ILE A 69 -0.90 30.25 11.39
CA ILE A 69 -0.40 31.37 12.17
C ILE A 69 -1.18 31.43 13.47
N SER A 70 -0.48 31.59 14.59
CA SER A 70 -1.11 31.60 15.90
C SER A 70 -0.58 32.75 16.74
N ALA A 71 -1.30 33.04 17.82
CA ALA A 71 -0.95 34.09 18.77
C ALA A 71 -0.92 33.49 20.16
N GLY A 72 0.28 33.32 20.72
CA GLY A 72 0.43 32.71 22.03
C GLY A 72 0.22 33.67 23.18
N LEU A 73 0.38 33.15 24.39
CA LEU A 73 0.20 33.95 25.60
C LEU A 73 1.40 34.81 25.93
N ALA A 74 2.55 34.57 25.29
CA ALA A 74 3.77 35.30 25.58
C ALA A 74 3.85 36.65 24.88
N GLU A 75 2.72 37.17 24.39
CA GLU A 75 2.67 38.45 23.69
C GLU A 75 1.51 39.28 24.20
N ALA A 76 1.36 39.36 25.52
CA ALA A 76 0.31 40.16 26.13
C ALA A 76 0.76 41.61 26.31
N GLY A 77 1.04 42.24 25.16
CA GLY A 77 1.48 43.63 25.14
C GLY A 77 0.46 44.58 25.73
N HIS A 78 0.92 45.46 26.63
CA HIS A 78 0.04 46.43 27.29
C HIS A 78 -0.14 47.67 26.41
N LEU A 79 -0.68 47.45 25.22
CA LEU A 79 -0.95 48.50 24.26
C LEU A 79 -2.29 48.24 23.59
N GLU A 80 -2.90 49.30 23.08
CA GLU A 80 -4.21 49.20 22.44
C GLU A 80 -4.10 48.37 21.17
N GLY A 81 -4.80 47.24 21.15
CA GLY A 81 -4.82 46.38 19.98
C GLY A 81 -4.93 44.91 20.31
N HIS A 82 -5.66 44.17 19.46
CA HIS A 82 -5.77 42.73 19.61
C HIS A 82 -4.41 42.07 19.39
N CYS A 83 -4.12 41.05 20.22
CA CYS A 83 -2.88 40.30 20.05
C CYS A 83 -2.84 39.58 18.71
N LEU A 84 -3.92 38.90 18.35
CA LEU A 84 -3.92 38.12 17.10
C LEU A 84 -3.76 39.02 15.88
N VAL A 85 -4.44 40.18 15.89
CA VAL A 85 -4.34 41.10 14.76
C VAL A 85 -2.91 41.58 14.59
N ARG A 86 -2.20 41.79 15.71
CA ARG A 86 -0.82 42.24 15.64
C ARG A 86 0.06 41.17 14.97
N VAL A 87 -0.09 39.91 15.37
CA VAL A 87 0.72 38.85 14.78
C VAL A 87 0.37 38.66 13.31
N VAL A 88 -0.93 38.67 12.99
CA VAL A 88 -1.33 38.43 11.60
C VAL A 88 -0.87 39.57 10.70
N ALA A 89 -0.64 40.76 11.28
CA ALA A 89 -0.12 41.86 10.49
C ALA A 89 1.35 41.65 10.15
N GLU A 90 2.14 41.25 11.14
CA GLU A 90 3.57 41.05 10.92
C GLU A 90 3.83 39.77 10.15
N GLU A 91 3.11 38.69 10.47
CA GLU A 91 3.43 37.39 9.90
C GLU A 91 2.99 37.27 8.45
N LEU A 92 1.88 37.93 8.07
CA LEU A 92 1.40 37.84 6.70
C LEU A 92 2.39 38.42 5.70
N GLU A 93 3.30 39.28 6.15
CA GLU A 93 4.34 39.80 5.27
C GLU A 93 5.28 38.69 4.82
N ASN A 94 5.57 37.73 5.70
CA ASN A 94 6.50 36.65 5.42
C ASN A 94 5.81 35.35 5.03
N VAL A 95 4.49 35.37 4.82
CA VAL A 95 3.78 34.17 4.41
C VAL A 95 4.26 33.75 3.03
N ARG A 96 4.16 32.46 2.73
CA ARG A 96 4.71 31.93 1.49
C ARG A 96 3.64 31.48 0.50
N ILE A 97 2.52 30.97 0.97
CA ILE A 97 1.44 30.53 0.09
C ILE A 97 0.38 31.62 0.03
N LEU A 98 -0.42 31.59 -1.03
CA LEU A 98 -1.53 32.52 -1.16
C LEU A 98 -2.77 31.93 -0.53
N PRO A 99 -3.31 32.52 0.54
CA PRO A 99 -4.49 31.93 1.19
C PRO A 99 -5.72 31.99 0.29
N HIS A 100 -6.52 30.94 0.38
CA HIS A 100 -7.77 30.85 -0.36
C HIS A 100 -8.98 30.75 0.56
N THR A 101 -8.96 29.85 1.54
CA THR A 101 -9.98 29.78 2.57
C THR A 101 -9.29 29.79 3.92
N VAL A 102 -9.83 30.54 4.86
CA VAL A 102 -9.18 30.73 6.16
C VAL A 102 -10.19 30.50 7.28
N LEU A 103 -9.76 29.77 8.30
CA LEU A 103 -10.54 29.51 9.51
C LEU A 103 -9.74 30.02 10.70
N TYR A 104 -10.28 31.01 11.40
CA TYR A 104 -9.62 31.60 12.55
C TYR A 104 -10.55 31.63 13.74
N MET A 105 -10.00 31.37 14.92
CA MET A 105 -10.73 31.36 16.18
C MET A 105 -9.97 32.19 17.20
N ALA A 106 -10.69 32.80 18.13
CA ALA A 106 -10.06 33.58 19.19
C ALA A 106 -10.92 33.48 20.44
N ASP A 107 -10.34 33.86 21.58
CA ASP A 107 -11.00 33.67 22.86
C ASP A 107 -12.04 34.78 23.01
N SER A 108 -12.95 34.64 23.97
CA SER A 108 -14.13 35.50 24.05
C SER A 108 -13.91 36.68 24.99
N GLU A 109 -12.70 37.25 25.02
CA GLU A 109 -12.49 38.53 25.67
C GLU A 109 -11.83 39.52 24.72
N THR A 110 -11.47 39.05 23.53
CA THR A 110 -10.77 39.89 22.56
C THR A 110 -11.67 40.36 21.43
N PHE A 111 -12.99 40.29 21.62
CA PHE A 111 -13.96 40.81 20.66
C PHE A 111 -14.97 41.70 21.36
N ILE A 112 -14.58 42.24 22.52
CA ILE A 112 -15.43 43.13 23.30
C ILE A 112 -14.64 44.39 23.61
N SER A 113 -15.25 45.55 23.38
CA SER A 113 -14.59 46.80 23.72
C SER A 113 -15.48 47.67 24.59
N LEU A 114 -16.80 47.61 24.38
CA LEU A 114 -17.74 48.32 25.23
C LEU A 114 -18.64 47.37 26.01
N GLU A 115 -19.44 46.57 25.31
CA GLU A 115 -20.17 45.45 25.92
C GLU A 115 -20.17 44.24 25.01
N GLU A 116 -19.82 44.44 23.74
CA GLU A 116 -19.96 43.37 22.74
C GLU A 116 -18.62 43.02 22.10
N THR A 127 -17.43 47.90 18.01
CA THR A 127 -16.68 47.12 18.99
C THR A 127 -16.34 45.71 18.48
N SER A 128 -17.35 44.86 18.27
CA SER A 128 -17.11 43.56 17.67
C SER A 128 -16.65 43.69 16.22
N MET A 129 -17.27 44.63 15.49
CA MET A 129 -16.92 44.87 14.10
C MET A 129 -15.48 45.34 13.97
N GLU A 130 -15.05 46.23 14.88
CA GLU A 130 -13.71 46.80 14.82
C GLU A 130 -12.65 45.70 14.86
N THR A 131 -12.78 44.75 15.78
CA THR A 131 -11.84 43.64 15.84
C THR A 131 -12.04 42.69 14.66
N ALA A 132 -13.30 42.43 14.30
CA ALA A 132 -13.61 41.49 13.22
C ALA A 132 -13.14 42.01 11.86
N LEU A 133 -13.63 43.19 11.46
CA LEU A 133 -13.29 43.74 10.15
C LEU A 133 -11.80 44.01 10.02
N ALA A 134 -11.11 44.20 11.15
CA ALA A 134 -9.67 44.38 11.12
C ALA A 134 -8.98 43.17 10.47
N LEU A 135 -9.35 41.97 10.92
CA LEU A 135 -8.81 40.76 10.31
C LEU A 135 -9.44 40.51 8.95
N GLU A 136 -10.65 41.01 8.73
CA GLU A 136 -11.35 40.79 7.46
C GLU A 136 -10.78 41.68 6.37
N LYS A 137 -9.91 42.64 6.74
CA LYS A 137 -9.34 43.57 5.78
C LYS A 137 -7.97 43.11 5.28
N LEU A 138 -7.13 42.60 6.17
CA LEU A 138 -5.79 42.16 5.77
C LEU A 138 -5.84 41.01 4.78
N PHE A 139 -6.76 40.07 5.00
CA PHE A 139 -6.85 38.91 4.13
C PHE A 139 -7.31 39.32 2.74
N PRO A 140 -6.94 38.56 1.71
CA PRO A 140 -7.28 38.96 0.33
C PRO A 140 -8.78 39.00 0.11
N LYS A 141 -9.20 39.85 -0.81
CA LYS A 141 -10.62 40.00 -1.12
C LYS A 141 -11.21 38.70 -1.66
N GLN A 142 -10.49 38.01 -2.54
CA GLN A 142 -10.96 36.74 -3.07
C GLN A 142 -10.95 35.62 -2.04
N CYS A 143 -10.19 35.77 -0.96
CA CYS A 143 -10.13 34.73 0.07
C CYS A 143 -11.45 34.64 0.82
N GLN A 144 -11.74 33.44 1.30
CA GLN A 144 -12.98 33.17 2.02
C GLN A 144 -12.67 33.07 3.51
N VAL A 145 -13.37 33.86 4.31
CA VAL A 145 -13.09 34.00 5.74
C VAL A 145 -14.31 33.55 6.52
N LEU A 146 -14.08 32.65 7.49
CA LEU A 146 -15.10 32.27 8.46
C LEU A 146 -14.64 32.70 9.84
N GLY A 147 -15.47 33.47 10.53
CA GLY A 147 -15.08 34.03 11.81
C GLY A 147 -15.88 33.51 12.99
N ILE A 148 -15.22 32.77 13.86
CA ILE A 148 -15.87 32.06 14.97
C ILE A 148 -15.10 32.35 16.26
N VAL A 149 -15.83 32.66 17.32
CA VAL A 149 -15.26 33.00 18.61
C VAL A 149 -15.70 31.95 19.63
N THR A 150 -14.74 31.41 20.39
CA THR A 150 -15.00 30.35 21.34
C THR A 150 -14.42 30.72 22.70
N PRO A 151 -14.94 30.17 23.80
CA PRO A 151 -14.35 30.44 25.12
C PRO A 151 -13.19 29.50 25.42
N GLY A 152 -12.08 29.67 24.71
CA GLY A 152 -10.92 28.82 24.89
C GLY A 152 -10.30 28.40 23.58
N ILE A 153 -8.99 28.57 23.44
CA ILE A 153 -8.26 28.25 22.22
C ILE A 153 -7.15 27.27 22.58
N VAL A 154 -7.06 26.18 21.82
CA VAL A 154 -5.99 25.20 21.97
C VAL A 154 -5.26 25.11 20.64
N VAL A 155 -3.95 25.37 20.67
CA VAL A 155 -3.25 25.72 19.43
C VAL A 155 -1.80 25.24 19.49
N THR A 156 -1.26 24.89 18.32
CA THR A 156 0.17 24.61 18.13
C THR A 156 0.86 25.87 17.62
N PRO A 157 2.02 26.23 18.17
CA PRO A 157 2.71 27.45 17.73
C PRO A 157 3.34 27.28 16.35
N MET A 158 3.93 28.37 15.85
CA MET A 158 4.51 28.39 14.52
C MET A 158 5.73 27.47 14.45
N GLY A 159 6.29 27.39 13.24
CA GLY A 159 7.52 26.65 13.04
C GLY A 159 7.32 25.36 12.29
N SER A 160 7.63 24.24 12.94
CA SER A 160 7.50 22.92 12.34
C SER A 160 6.31 22.19 12.95
N GLY A 161 6.16 20.93 12.57
CA GLY A 161 5.11 20.09 13.10
C GLY A 161 5.43 19.43 14.42
N SER A 162 6.59 19.70 15.00
CA SER A 162 7.02 19.07 16.24
C SER A 162 6.83 19.95 17.46
N ASN A 163 6.20 21.11 17.32
CA ASN A 163 5.97 21.98 18.46
C ASN A 163 4.98 21.33 19.43
N ARG A 164 5.30 21.43 20.71
CA ARG A 164 4.43 20.91 21.77
C ARG A 164 3.17 21.75 21.86
N PRO A 165 1.98 21.16 21.75
CA PRO A 165 0.76 21.96 21.77
C PRO A 165 0.54 22.56 23.14
N GLN A 166 -0.02 23.76 23.15
CA GLN A 166 -0.29 24.49 24.38
C GLN A 166 -1.79 24.70 24.50
N GLU A 167 -2.35 24.25 25.62
CA GLU A 167 -3.78 24.31 25.87
C GLU A 167 -4.08 25.57 26.68
N ILE A 168 -4.83 26.50 26.09
CA ILE A 168 -5.05 27.80 26.69
C ILE A 168 -6.50 27.89 27.15
N GLU A 169 -6.70 27.98 28.46
CA GLU A 169 -8.00 28.37 29.04
C GLU A 169 -8.05 29.89 29.02
N ILE A 170 -8.94 30.50 29.81
CA ILE A 170 -9.19 31.94 29.77
C ILE A 170 -7.88 32.71 29.63
N GLY A 171 -7.80 33.58 28.63
CA GLY A 171 -6.56 34.23 28.25
C GLY A 171 -6.50 34.44 26.75
N GLU A 172 -5.98 35.58 26.31
CA GLU A 172 -6.05 35.98 24.90
C GLU A 172 -5.14 35.08 24.07
N SER A 173 -5.75 34.29 23.19
CA SER A 173 -5.02 33.45 22.25
C SER A 173 -5.90 33.20 21.04
N GLY A 174 -5.27 32.77 19.96
CA GLY A 174 -6.00 32.44 18.75
C GLY A 174 -5.12 32.01 17.61
N PHE A 175 -5.69 31.32 16.62
CA PHE A 175 -4.94 30.85 15.47
C PHE A 175 -5.71 31.14 14.20
N ALA A 176 -4.98 31.24 13.09
CA ALA A 176 -5.57 31.37 11.76
C ALA A 176 -4.97 30.30 10.87
N LEU A 177 -5.83 29.59 10.14
CA LEU A 177 -5.43 28.50 9.26
C LEU A 177 -5.55 28.96 7.82
N LEU A 178 -4.43 28.93 7.09
CA LEU A 178 -4.40 29.36 5.70
C LEU A 178 -4.39 28.13 4.80
N PHE A 179 -5.49 27.94 4.07
CA PHE A 179 -5.59 26.82 3.13
C PHE A 179 -5.29 27.32 1.72
N PRO A 180 -4.25 26.81 1.07
CA PRO A 180 -3.93 27.26 -0.29
C PRO A 180 -4.77 26.55 -1.34
N GLN A 181 -4.58 26.90 -2.60
CA GLN A 181 -5.28 26.24 -3.70
C GLN A 181 -4.71 24.86 -3.92
N ILE A 182 -5.48 23.83 -3.59
CA ILE A 182 -5.06 22.45 -3.69
C ILE A 182 -5.88 21.77 -4.78
N GLU A 183 -5.21 21.07 -5.69
CA GLU A 183 -5.87 20.46 -6.82
C GLU A 183 -6.75 19.29 -6.38
N GLY A 184 -8.00 19.31 -6.83
CA GLY A 184 -8.93 18.22 -6.57
C GLY A 184 -9.68 18.31 -5.26
N ILE A 185 -9.37 19.29 -4.41
CA ILE A 185 -10.05 19.47 -3.13
C ILE A 185 -10.72 20.83 -3.14
N LYS A 186 -12.01 20.87 -2.84
CA LYS A 186 -12.78 22.10 -2.85
C LYS A 186 -13.48 22.28 -1.51
N ILE A 187 -13.31 23.45 -0.91
CA ILE A 187 -13.83 23.76 0.42
C ILE A 187 -14.76 24.96 0.28
N GLN A 188 -15.97 24.85 0.85
CA GLN A 188 -16.95 25.92 0.72
C GLN A 188 -17.66 26.13 2.05
N PRO A 189 -17.64 27.34 2.60
CA PRO A 189 -18.37 27.60 3.84
C PRO A 189 -19.87 27.54 3.63
N PHE A 190 -20.60 27.42 4.73
CA PHE A 190 -22.05 27.43 4.69
C PHE A 190 -22.57 28.10 5.96
N HIS A 191 -23.78 28.64 5.87
CA HIS A 191 -24.37 29.38 6.99
C HIS A 191 -25.88 29.30 6.88
N PHE A 192 -26.53 28.79 7.93
CA PHE A 192 -27.99 28.75 8.03
C PHE A 192 -28.39 29.59 9.23
N ILE A 193 -28.87 30.79 8.98
CA ILE A 193 -29.30 31.69 10.04
C ILE A 193 -30.60 31.15 10.63
N LYS A 194 -30.87 31.47 11.89
CA LYS A 194 -32.11 31.07 12.53
C LYS A 194 -33.23 32.01 12.08
N ASP A 195 -34.45 31.76 12.54
CA ASP A 195 -35.62 32.52 12.13
C ASP A 195 -36.52 32.81 13.32
N PRO A 196 -37.24 33.93 13.31
CA PRO A 196 -38.30 34.12 14.30
C PRO A 196 -39.43 33.15 14.05
N LYS A 197 -39.86 33.05 12.78
CA LYS A 197 -40.89 32.11 12.35
C LYS A 197 -40.75 31.90 10.85
N ASN A 198 -40.33 30.70 10.46
CA ASN A 198 -40.17 30.36 9.06
C ASN A 198 -40.11 28.84 8.92
N LEU A 199 -39.74 28.38 7.73
CA LEU A 199 -39.53 26.95 7.48
C LEU A 199 -38.25 26.49 8.14
N THR A 200 -37.82 25.26 7.86
CA THR A 200 -36.54 24.83 8.40
C THR A 200 -35.43 24.95 7.37
N LEU A 201 -35.49 24.11 6.34
CA LEU A 201 -34.50 24.06 5.25
C LEU A 201 -35.15 23.25 4.14
N GLU A 202 -35.52 23.89 3.03
CA GLU A 202 -36.35 23.14 2.10
C GLU A 202 -35.55 22.03 1.43
N ARG A 203 -34.67 22.35 0.47
CA ARG A 203 -33.63 21.40 0.07
C ARG A 203 -32.37 22.10 -0.42
N HIS A 204 -32.51 23.31 -0.95
CA HIS A 204 -31.52 23.84 -1.86
C HIS A 204 -30.25 24.30 -1.18
N GLN A 205 -30.35 24.75 0.08
CA GLN A 205 -29.17 25.21 0.82
C GLN A 205 -28.17 24.07 1.03
N LEU A 206 -28.66 22.83 1.05
CA LEU A 206 -27.78 21.68 1.09
C LEU A 206 -27.17 21.37 -0.27
N THR A 207 -27.75 21.88 -1.36
CA THR A 207 -27.16 21.77 -2.69
C THR A 207 -26.44 23.04 -3.08
N GLU A 208 -26.85 24.19 -2.56
CA GLU A 208 -26.15 25.44 -2.83
C GLU A 208 -24.70 25.37 -2.38
N VAL A 209 -24.45 24.83 -1.19
CA VAL A 209 -23.10 24.74 -0.66
C VAL A 209 -22.52 23.35 -0.94
N GLY A 210 -23.34 22.30 -0.82
CA GLY A 210 -22.88 20.98 -1.20
C GLY A 210 -22.95 19.90 -0.15
N LEU A 211 -23.73 20.10 0.90
CA LEU A 211 -23.90 19.09 1.93
C LEU A 211 -24.69 17.87 1.46
N LEU A 212 -25.45 17.99 0.38
CA LEU A 212 -26.19 16.86 -0.15
C LEU A 212 -25.92 16.74 -1.64
N ASP A 213 -26.22 15.56 -2.18
CA ASP A 213 -26.04 15.24 -3.59
C ASP A 213 -24.59 15.40 -4.05
N ASN A 214 -23.65 15.40 -3.10
CA ASN A 214 -22.24 15.50 -3.41
C ASN A 214 -21.61 14.13 -3.24
N PRO A 215 -21.21 13.45 -4.31
CA PRO A 215 -20.65 12.10 -4.17
C PRO A 215 -19.28 12.05 -3.51
N GLU A 216 -18.68 13.19 -3.17
CA GLU A 216 -17.34 13.18 -2.63
C GLU A 216 -17.22 13.94 -1.31
N LEU A 217 -18.35 14.27 -0.66
CA LEU A 217 -18.32 14.89 0.66
C LEU A 217 -17.81 13.88 1.68
N ARG A 218 -16.71 14.18 2.35
CA ARG A 218 -16.13 13.22 3.28
C ARG A 218 -15.93 13.77 4.68
N VAL A 219 -15.69 15.07 4.84
CA VAL A 219 -15.52 15.67 6.15
C VAL A 219 -16.34 16.95 6.23
N VAL A 220 -17.04 17.14 7.35
CA VAL A 220 -17.73 18.38 7.64
C VAL A 220 -17.34 18.81 9.05
N LEU A 221 -17.37 20.13 9.28
CA LEU A 221 -16.86 20.70 10.51
C LEU A 221 -17.93 21.62 11.13
N VAL A 222 -19.14 21.10 11.27
CA VAL A 222 -20.29 21.86 11.76
C VAL A 222 -19.99 22.56 13.08
N PHE A 223 -20.26 23.86 13.14
CA PHE A 223 -20.17 24.66 14.35
C PHE A 223 -21.52 25.28 14.65
N GLY A 224 -21.74 25.65 15.90
CA GLY A 224 -22.99 26.26 16.29
C GLY A 224 -22.77 27.33 17.34
N TYR A 225 -23.64 28.33 17.34
CA TYR A 225 -23.48 29.46 18.25
C TYR A 225 -24.82 29.96 18.78
N ASN A 226 -24.80 30.56 19.96
CA ASN A 226 -25.98 31.12 20.62
C ASN A 226 -27.11 30.10 20.71
N CYS A 227 -26.79 28.89 21.17
CA CYS A 227 -27.79 27.83 21.25
C CYS A 227 -28.52 27.86 22.58
N CYS A 228 -28.26 28.87 23.41
CA CYS A 228 -28.84 28.96 24.75
C CYS A 228 -30.37 28.96 24.73
N LYS A 229 -30.96 29.76 23.86
CA LYS A 229 -32.43 29.83 23.79
C LYS A 229 -33.01 28.51 23.33
N VAL A 230 -34.19 28.18 23.86
CA VAL A 230 -34.92 26.99 23.46
C VAL A 230 -35.28 27.13 21.98
N GLY A 231 -35.49 26.01 21.32
CA GLY A 231 -35.63 26.05 19.86
C GLY A 231 -34.30 26.16 19.15
N ALA A 232 -33.49 27.15 19.53
CA ALA A 232 -32.12 27.22 19.02
C ALA A 232 -31.29 26.03 19.47
N SER A 233 -31.45 25.60 20.72
CA SER A 233 -30.80 24.37 21.17
C SER A 233 -31.29 23.18 20.35
N ASN A 234 -32.59 23.14 20.07
CA ASN A 234 -33.14 22.12 19.18
C ASN A 234 -32.92 22.44 17.72
N TYR A 235 -32.54 23.66 17.36
CA TYR A 235 -32.23 23.95 15.96
C TYR A 235 -31.04 23.11 15.49
N LEU A 236 -29.99 23.06 16.31
CA LEU A 236 -28.85 22.21 15.98
C LEU A 236 -29.26 20.74 15.91
N GLN A 237 -30.26 20.35 16.69
CA GLN A 237 -30.81 19.00 16.59
C GLN A 237 -31.40 18.76 15.21
N GLN A 238 -32.16 19.73 14.68
CA GLN A 238 -32.87 19.52 13.43
C GLN A 238 -31.97 19.72 12.21
N VAL A 239 -31.15 20.77 12.21
CA VAL A 239 -30.38 21.11 11.03
C VAL A 239 -29.39 20.01 10.66
N VAL A 240 -28.80 19.35 11.65
CA VAL A 240 -27.82 18.32 11.36
C VAL A 240 -28.44 17.13 10.65
N SER A 241 -29.67 16.75 11.01
CA SER A 241 -30.25 15.51 10.50
C SER A 241 -30.50 15.59 9.00
N THR A 242 -30.58 16.81 8.46
CA THR A 242 -30.85 16.97 7.04
C THR A 242 -29.71 16.40 6.20
N PHE A 243 -28.46 16.64 6.60
CA PHE A 243 -27.31 16.17 5.84
C PHE A 243 -26.54 15.07 6.54
N SER A 244 -27.11 14.44 7.56
CA SER A 244 -26.43 13.33 8.24
C SER A 244 -26.69 12.02 7.50
N ASP A 245 -26.36 10.90 8.16
CA ASP A 245 -26.66 9.56 7.67
C ASP A 245 -25.86 9.21 6.42
N MET A 246 -24.93 10.07 6.03
CA MET A 246 -24.08 9.80 4.88
C MET A 246 -22.77 9.19 5.37
N ASN A 247 -21.83 8.98 4.45
CA ASN A 247 -20.51 8.44 4.78
C ASN A 247 -19.52 9.59 5.00
N ILE A 248 -19.88 10.47 5.94
CA ILE A 248 -19.11 11.66 6.23
C ILE A 248 -18.70 11.67 7.70
N ILE A 249 -17.80 12.58 8.06
CA ILE A 249 -17.36 12.74 9.45
C ILE A 249 -17.88 14.08 9.93
N LEU A 250 -18.63 14.06 11.03
CA LEU A 250 -18.99 15.29 11.70
C LEU A 250 -17.98 15.62 12.79
N ALA A 251 -17.84 16.90 13.07
CA ALA A 251 -16.89 17.36 14.08
C ALA A 251 -17.25 18.80 14.43
N GLY A 252 -17.08 19.12 15.71
CA GLY A 252 -17.33 20.47 16.18
C GLY A 252 -18.26 20.44 17.38
N GLY A 253 -18.87 21.59 17.62
CA GLY A 253 -19.73 21.74 18.78
C GLY A 253 -20.37 23.12 18.79
N GLN A 254 -20.69 23.57 19.99
CA GLN A 254 -21.34 24.86 20.20
C GLN A 254 -20.33 25.89 20.68
N VAL A 255 -20.43 27.10 20.14
CA VAL A 255 -19.50 28.18 20.47
C VAL A 255 -20.30 29.41 20.87
N ASP A 256 -19.60 30.52 21.14
CA ASP A 256 -20.27 31.72 21.63
C ASP A 256 -20.96 32.48 20.52
N ASN A 257 -20.19 33.01 19.56
CA ASN A 257 -20.74 33.93 18.58
C ASN A 257 -19.85 33.92 17.34
N LEU A 258 -20.32 34.62 16.31
CA LEU A 258 -19.65 34.71 15.02
C LEU A 258 -19.04 36.10 14.87
N SER A 259 -17.97 36.20 14.09
CA SER A 259 -17.31 37.48 13.88
C SER A 259 -17.36 37.95 12.44
N SER A 260 -16.99 37.10 11.48
CA SER A 260 -16.91 37.53 10.09
C SER A 260 -17.14 36.36 9.15
N LEU A 261 -18.00 36.56 8.15
CA LEU A 261 -18.22 35.60 7.08
C LEU A 261 -18.23 36.36 5.75
N THR A 262 -17.59 35.79 4.74
CA THR A 262 -17.48 36.44 3.43
C THR A 262 -18.55 35.89 2.50
N SER A 263 -19.75 36.45 2.64
CA SER A 263 -20.85 36.17 1.73
C SER A 263 -21.25 37.38 0.89
N GLU A 264 -20.82 38.58 1.27
CA GLU A 264 -21.00 39.81 0.49
C GLU A 264 -22.46 40.16 0.26
N LYS A 265 -23.38 39.62 1.07
CA LYS A 265 -24.79 39.94 0.91
C LYS A 265 -25.52 40.09 2.24
N ASN A 266 -24.81 40.17 3.36
CA ASN A 266 -25.48 40.27 4.65
C ASN A 266 -24.58 40.93 5.70
N PRO A 267 -24.97 42.08 6.24
CA PRO A 267 -24.29 42.60 7.43
C PRO A 267 -24.60 41.72 8.63
N LEU A 268 -23.55 41.16 9.22
CA LEU A 268 -23.71 40.12 10.22
C LEU A 268 -24.43 40.66 11.46
N ASP A 269 -25.43 39.92 11.92
CA ASP A 269 -26.18 40.27 13.12
C ASP A 269 -25.62 39.50 14.30
N ILE A 270 -25.20 40.22 15.34
CA ILE A 270 -24.53 39.58 16.47
C ILE A 270 -25.52 38.82 17.34
N ASP A 271 -26.78 39.23 17.36
CA ASP A 271 -27.77 38.64 18.26
C ASP A 271 -28.39 37.35 17.73
N ALA A 272 -28.24 37.06 16.44
CA ALA A 272 -28.91 35.92 15.83
C ALA A 272 -28.03 34.68 15.92
N SER A 273 -28.69 33.53 16.11
CA SER A 273 -28.01 32.25 16.17
C SER A 273 -28.10 31.52 14.84
N GLY A 274 -27.28 30.49 14.69
CA GLY A 274 -27.26 29.74 13.46
C GLY A 274 -26.21 28.65 13.50
N VAL A 275 -25.99 28.04 12.34
CA VAL A 275 -25.03 26.96 12.17
C VAL A 275 -24.09 27.35 11.03
N VAL A 276 -22.79 27.28 11.29
CA VAL A 276 -21.76 27.60 10.30
C VAL A 276 -20.68 26.54 10.37
N GLY A 277 -19.90 26.44 9.30
CA GLY A 277 -18.78 25.51 9.30
C GLY A 277 -18.22 25.34 7.91
N LEU A 278 -17.19 24.50 7.83
CA LEU A 278 -16.56 24.14 6.56
C LEU A 278 -17.09 22.79 6.11
N SER A 279 -17.05 22.57 4.79
CA SER A 279 -17.51 21.32 4.18
C SER A 279 -16.42 20.82 3.25
N PHE A 280 -15.49 20.04 3.79
CA PHE A 280 -14.41 19.48 2.99
C PHE A 280 -14.98 18.51 1.96
N SER A 281 -14.38 18.53 0.77
CA SER A 281 -14.84 17.67 -0.32
C SER A 281 -13.67 17.37 -1.25
N GLY A 282 -13.52 16.11 -1.61
CA GLY A 282 -12.43 15.72 -2.48
C GLY A 282 -12.42 14.23 -2.69
N HIS A 283 -11.37 13.75 -3.35
CA HIS A 283 -11.22 12.33 -3.63
C HIS A 283 -10.16 11.65 -2.79
N ARG A 284 -9.29 12.39 -2.10
CA ARG A 284 -8.26 11.80 -1.26
C ARG A 284 -8.34 12.25 0.19
N ILE A 285 -9.39 12.96 0.58
CA ILE A 285 -9.50 13.45 1.95
C ILE A 285 -9.86 12.30 2.88
N GLN A 286 -8.86 11.76 3.55
CA GLN A 286 -9.07 10.74 4.56
C GLN A 286 -9.36 11.39 5.91
N SER A 287 -9.98 10.64 6.80
CA SER A 287 -10.42 11.20 8.07
C SER A 287 -10.38 10.11 9.14
N ALA A 288 -10.59 10.53 10.38
CA ALA A 288 -10.63 9.65 11.53
C ALA A 288 -11.21 10.41 12.70
N THR A 289 -11.86 9.68 13.61
CA THR A 289 -12.50 10.32 14.74
C THR A 289 -12.56 9.36 15.93
N VAL A 290 -12.22 9.88 17.11
CA VAL A 290 -12.29 9.12 18.35
C VAL A 290 -13.01 9.96 19.39
N LEU A 291 -14.02 9.37 20.04
CA LEU A 291 -14.66 10.02 21.17
C LEU A 291 -13.87 9.75 22.44
N LEU A 292 -13.88 10.73 23.35
CA LEU A 292 -13.26 10.61 24.66
C LEU A 292 -14.36 10.76 25.70
N ASN A 293 -14.99 9.65 26.07
CA ASN A 293 -16.14 9.69 26.96
C ASN A 293 -15.72 9.87 28.41
N GLU A 294 -16.65 9.66 29.33
CA GLU A 294 -16.40 9.83 30.76
C GLU A 294 -15.62 8.64 31.32
N ASP A 295 -15.17 7.74 30.45
CA ASP A 295 -14.37 6.60 30.85
C ASP A 295 -12.88 6.90 30.88
N VAL A 296 -12.45 8.07 30.43
CA VAL A 296 -11.04 8.45 30.46
C VAL A 296 -10.87 9.54 31.51
N SER A 297 -10.03 9.27 32.50
CA SER A 297 -9.82 10.22 33.59
C SER A 297 -8.39 10.34 34.06
N ASP A 298 -7.42 9.76 33.35
CA ASP A 298 -6.02 9.83 33.75
C ASP A 298 -5.15 9.71 32.51
N GLU A 299 -3.83 9.78 32.72
CA GLU A 299 -2.88 9.80 31.61
C GLU A 299 -2.96 8.51 30.80
N LYS A 300 -2.98 7.36 31.47
CA LYS A 300 -2.94 6.09 30.75
C LYS A 300 -4.19 5.87 29.92
N THR A 301 -5.37 6.19 30.45
CA THR A 301 -6.59 6.02 29.69
C THR A 301 -6.64 6.93 28.47
N ALA A 302 -6.17 8.18 28.61
CA ALA A 302 -6.14 9.08 27.47
C ALA A 302 -5.22 8.56 26.38
N GLU A 303 -4.03 8.07 26.75
CA GLU A 303 -3.11 7.51 25.77
C GLU A 303 -3.69 6.26 25.11
N ALA A 304 -4.49 5.48 25.83
CA ALA A 304 -5.13 4.32 25.22
C ALA A 304 -6.08 4.74 24.10
N ALA A 305 -6.84 5.82 24.32
CA ALA A 305 -7.80 6.26 23.31
C ALA A 305 -7.10 6.71 22.04
N MET A 306 -6.02 7.49 22.17
CA MET A 306 -5.31 7.97 20.99
C MET A 306 -4.48 6.87 20.33
N GLN A 307 -4.26 5.74 21.01
CA GLN A 307 -3.66 4.60 20.34
C GLN A 307 -4.62 4.00 19.31
N ARG A 308 -5.92 4.08 19.59
CA ARG A 308 -6.90 3.62 18.62
C ARG A 308 -6.85 4.46 17.35
N LEU A 309 -6.63 5.77 17.50
CA LEU A 309 -6.49 6.62 16.32
C LEU A 309 -5.30 6.23 15.48
N LYS A 310 -4.19 5.88 16.11
CA LYS A 310 -3.00 5.45 15.37
C LYS A 310 -3.25 4.17 14.57
N ALA A 311 -4.14 3.29 15.05
CA ALA A 311 -4.40 2.04 14.35
C ALA A 311 -5.18 2.25 13.06
N ALA A 312 -5.77 3.42 12.85
CA ALA A 312 -6.51 3.71 11.63
C ALA A 312 -5.61 3.84 10.41
N ASN A 313 -4.29 3.90 10.60
CA ASN A 313 -3.32 4.00 9.51
C ASN A 313 -3.59 5.25 8.66
N ILE A 314 -3.90 6.34 9.34
CA ILE A 314 -4.01 7.64 8.68
C ILE A 314 -2.60 8.16 8.44
N PRO A 315 -2.25 8.58 7.23
CA PRO A 315 -0.88 9.02 6.95
C PRO A 315 -0.46 10.22 7.80
N GLU A 316 0.84 10.48 7.87
CA GLU A 316 1.37 11.50 8.76
C GLU A 316 1.36 12.89 8.11
N HIS A 317 1.96 12.99 6.93
CA HIS A 317 2.16 14.29 6.28
C HIS A 317 0.86 14.88 5.77
N ASN A 318 0.79 16.21 5.72
CA ASN A 318 -0.35 16.95 5.16
C ASN A 318 -1.64 16.68 5.90
N THR A 319 -1.57 16.41 7.21
CA THR A 319 -2.76 16.24 8.03
C THR A 319 -2.79 17.30 9.12
N ILE A 320 -3.99 17.75 9.45
CA ILE A 320 -4.19 18.69 10.54
C ILE A 320 -5.17 18.06 11.52
N GLY A 321 -4.93 18.24 12.81
CA GLY A 321 -5.74 17.62 13.85
C GLY A 321 -6.64 18.65 14.51
N PHE A 322 -7.77 18.18 15.01
CA PHE A 322 -8.72 19.02 15.72
C PHE A 322 -9.10 18.38 17.05
N MET A 323 -9.37 19.23 18.04
CA MET A 323 -9.77 18.78 19.36
C MET A 323 -10.85 19.72 19.89
N PHE A 324 -12.08 19.26 19.88
CA PHE A 324 -13.21 20.02 20.44
C PHE A 324 -13.62 19.38 21.77
N ALA A 325 -13.57 20.17 22.84
CA ALA A 325 -13.83 19.64 24.17
C ALA A 325 -14.85 20.51 24.91
N CYS A 326 -15.11 20.17 26.17
CA CYS A 326 -16.06 20.89 26.99
C CYS A 326 -15.34 21.74 28.03
N VAL A 327 -15.96 22.86 28.39
CA VAL A 327 -15.37 23.74 29.38
C VAL A 327 -15.26 23.05 30.74
N GLY A 328 -15.99 21.96 30.94
CA GLY A 328 -15.88 21.18 32.16
C GLY A 328 -14.72 20.20 32.16
N ARG A 329 -13.97 20.12 31.06
CA ARG A 329 -12.80 19.26 30.97
C ARG A 329 -11.54 20.09 30.88
N GLY A 330 -10.48 19.60 31.52
CA GLY A 330 -9.21 20.30 31.53
C GLY A 330 -8.54 20.28 32.89
N PHE A 331 -8.30 21.46 33.44
CA PHE A 331 -7.67 21.55 34.76
C PHE A 331 -8.55 20.88 35.82
N GLN A 332 -9.86 21.12 35.76
CA GLN A 332 -10.75 20.62 36.80
C GLN A 332 -10.95 19.11 36.70
N TYR A 333 -11.20 18.60 35.50
CA TYR A 333 -11.69 17.23 35.36
C TYR A 333 -10.57 16.22 35.64
N TYR A 334 -9.52 16.23 34.83
CA TYR A 334 -8.34 15.45 35.17
C TYR A 334 -7.57 16.15 36.27
N ARG A 335 -7.18 15.40 37.30
CA ARG A 335 -6.72 15.97 38.56
C ARG A 335 -5.47 16.83 38.41
N ALA A 336 -5.64 18.15 38.56
CA ALA A 336 -4.54 19.09 38.73
C ALA A 336 -3.51 19.08 37.61
N LYS A 337 -3.89 18.62 36.42
CA LYS A 337 -2.98 18.66 35.27
C LYS A 337 -3.62 19.41 34.10
N GLY A 338 -2.76 19.81 33.17
CA GLY A 338 -3.19 20.45 31.93
C GLY A 338 -2.33 20.03 30.76
N ASN A 339 -2.73 20.40 29.54
CA ASN A 339 -2.03 19.99 28.33
C ASN A 339 -1.83 18.49 28.30
N VAL A 340 -2.86 17.74 28.72
CA VAL A 340 -2.79 16.29 28.83
C VAL A 340 -3.27 15.61 27.56
N GLU A 341 -4.39 16.08 26.99
CA GLU A 341 -4.79 15.60 25.67
C GLU A 341 -3.77 16.00 24.62
N ALA A 342 -3.27 17.23 24.71
CA ALA A 342 -2.31 17.73 23.73
C ALA A 342 -1.02 16.94 23.75
N ASP A 343 -0.51 16.64 24.95
CA ASP A 343 0.73 15.88 25.06
C ASP A 343 0.58 14.45 24.54
N ALA A 344 -0.56 13.80 24.81
CA ALA A 344 -0.82 12.46 24.31
C ALA A 344 -0.98 12.42 22.80
N PHE A 345 -1.51 13.48 22.19
CA PHE A 345 -1.63 13.53 20.73
C PHE A 345 -0.26 13.42 20.07
N ARG A 346 0.71 14.18 20.56
CA ARG A 346 2.06 14.14 20.00
C ARG A 346 2.93 13.05 20.60
N LYS A 347 2.40 12.30 21.57
CA LYS A 347 3.12 11.13 22.07
C LYS A 347 3.10 10.02 21.03
N PHE A 348 1.94 9.79 20.39
CA PHE A 348 1.81 8.73 19.41
C PHE A 348 1.86 9.23 17.98
N PHE A 349 1.46 10.47 17.73
CA PHE A 349 1.56 11.08 16.41
C PHE A 349 2.76 12.03 16.40
N PRO A 350 3.81 11.74 15.63
CA PRO A 350 5.09 12.41 15.87
C PRO A 350 5.16 13.83 15.36
N SER A 351 4.44 14.18 14.29
CA SER A 351 4.65 15.50 13.70
C SER A 351 3.37 16.20 13.24
N VAL A 352 2.18 15.69 13.56
CA VAL A 352 0.96 16.35 13.12
C VAL A 352 0.70 17.56 14.01
N PRO A 353 0.17 18.65 13.47
CA PRO A 353 -0.18 19.79 14.31
C PRO A 353 -1.51 19.58 15.03
N LEU A 354 -1.96 20.58 15.78
CA LEU A 354 -3.19 20.45 16.54
C LEU A 354 -3.85 21.82 16.67
N PHE A 355 -5.15 21.90 16.41
CA PHE A 355 -5.92 23.12 16.57
C PHE A 355 -7.34 22.78 16.99
N GLY A 356 -7.84 23.43 18.04
CA GLY A 356 -9.18 23.17 18.49
C GLY A 356 -9.59 24.16 19.55
N PHE A 357 -10.88 24.15 19.87
CA PHE A 357 -11.46 25.11 20.80
C PHE A 357 -12.09 24.40 21.98
N PHE A 358 -12.43 25.17 23.00
CA PHE A 358 -13.22 24.71 24.14
C PHE A 358 -14.61 25.31 24.05
N GLY A 359 -15.64 24.48 24.16
CA GLY A 359 -16.97 24.97 23.96
C GLY A 359 -17.96 24.30 24.90
N ASN A 360 -19.22 24.72 24.76
CA ASN A 360 -20.31 24.22 25.60
C ASN A 360 -21.10 23.10 24.92
N GLY A 361 -20.52 22.46 23.91
CA GLY A 361 -21.24 21.42 23.19
C GLY A 361 -20.32 20.53 22.39
N GLU A 362 -20.77 19.32 22.08
CA GLU A 362 -19.94 18.32 21.43
C GLU A 362 -20.71 17.67 20.29
N ILE A 363 -20.01 17.45 19.18
CA ILE A 363 -20.54 16.73 18.03
C ILE A 363 -19.49 15.74 17.56
N GLY A 364 -19.90 14.51 17.30
CA GLY A 364 -18.98 13.52 16.78
C GLY A 364 -19.40 12.11 17.18
N CYS A 365 -18.68 11.14 16.62
CA CYS A 365 -18.92 9.72 16.89
C CYS A 365 -17.60 8.98 16.71
N ASP A 366 -17.69 7.66 16.60
CA ASP A 366 -16.56 6.81 16.22
C ASP A 366 -16.74 6.39 14.78
N ARG A 367 -15.85 6.83 13.91
CA ARG A 367 -15.99 6.57 12.48
C ARG A 367 -14.71 6.87 11.72
N ILE A 368 -14.37 6.01 10.76
CA ILE A 368 -13.21 6.21 9.89
C ILE A 368 -13.70 6.12 8.45
N VAL A 369 -13.40 7.13 7.65
CA VAL A 369 -13.71 7.13 6.23
C VAL A 369 -12.44 7.43 5.46
N THR A 370 -12.10 6.56 4.51
CA THR A 370 -10.93 6.72 3.68
C THR A 370 -11.32 6.48 2.22
N GLY A 371 -10.33 6.32 1.36
CA GLY A 371 -10.60 6.05 -0.04
C GLY A 371 -11.33 4.74 -0.27
N ASN A 372 -11.20 3.79 0.65
CA ASN A 372 -11.83 2.50 0.48
C ASN A 372 -12.91 2.19 1.50
N PHE A 373 -12.56 2.24 2.79
CA PHE A 373 -13.44 1.65 3.80
C PHE A 373 -14.16 2.72 4.61
N ILE A 374 -15.33 2.35 5.13
CA ILE A 374 -16.12 3.18 6.03
C ILE A 374 -16.50 2.31 7.22
N LEU A 375 -16.36 2.87 8.43
CA LEU A 375 -16.55 2.09 9.65
C LEU A 375 -17.65 2.68 10.54
N ARG A 376 -18.80 2.98 9.95
CA ARG A 376 -19.88 3.61 10.68
C ARG A 376 -20.29 2.81 11.91
N LYS A 377 -21.00 3.48 12.81
CA LYS A 377 -21.61 2.86 13.98
C LYS A 377 -23.08 2.64 13.63
N CYS A 378 -23.57 1.42 13.86
CA CYS A 378 -24.90 1.03 13.41
C CYS A 378 -25.99 1.89 14.03
N ASN A 379 -25.77 2.35 15.26
CA ASN A 379 -26.53 3.44 15.91
C ASN A 379 -28.02 3.43 15.54
N GLU A 380 -28.63 2.26 15.71
CA GLU A 380 -29.95 1.99 15.15
C GLU A 380 -31.09 2.70 15.87
N VAL A 381 -30.85 3.62 16.81
CA VAL A 381 -32.00 4.13 17.54
C VAL A 381 -32.67 5.26 16.75
N LYS A 382 -32.12 6.47 16.77
CA LYS A 382 -32.34 7.39 15.65
C LYS A 382 -31.07 8.07 15.20
N ASP A 383 -30.52 8.94 16.04
CA ASP A 383 -29.31 9.70 15.78
C ASP A 383 -28.59 10.03 17.08
N ASP A 384 -28.69 9.16 18.08
CA ASP A 384 -28.26 9.48 19.44
C ASP A 384 -26.76 9.24 19.64
N ASP A 385 -25.98 9.25 18.57
CA ASP A 385 -24.55 8.96 18.62
C ASP A 385 -23.72 10.20 18.30
N LEU A 386 -24.36 11.36 18.21
CA LEU A 386 -23.68 12.57 17.78
C LEU A 386 -23.61 13.60 18.88
N PHE A 387 -24.76 13.96 19.45
CA PHE A 387 -24.81 15.00 20.47
C PHE A 387 -24.44 14.46 21.84
N HIS A 388 -23.16 14.46 22.14
CA HIS A 388 -22.68 14.15 23.47
C HIS A 388 -22.47 15.44 24.28
N SER A 389 -22.25 15.27 25.58
CA SER A 389 -21.94 16.37 26.47
C SER A 389 -20.82 15.93 27.41
N TYR A 390 -20.06 16.92 27.89
CA TYR A 390 -18.95 16.68 28.80
C TYR A 390 -17.96 15.67 28.22
N THR A 391 -17.58 15.85 26.95
CA THR A 391 -16.69 14.90 26.30
C THR A 391 -15.77 15.66 25.35
N THR A 392 -14.91 14.93 24.65
CA THR A 392 -13.93 15.50 23.74
C THR A 392 -13.91 14.70 22.46
N ILE A 393 -13.77 15.38 21.33
CA ILE A 393 -13.72 14.76 20.01
C ILE A 393 -12.41 15.14 19.35
N MET A 394 -11.81 14.18 18.66
CA MET A 394 -10.61 14.42 17.86
C MET A 394 -10.93 14.22 16.39
N ALA A 395 -9.97 14.59 15.54
CA ALA A 395 -10.10 14.42 14.11
C ALA A 395 -8.71 14.39 13.49
N LEU A 396 -8.59 13.74 12.33
CA LEU A 396 -7.31 13.61 11.65
C LEU A 396 -7.45 13.91 10.16
N ILE A 397 -8.03 15.07 9.83
CA ILE A 397 -8.37 15.38 8.45
C ILE A 397 -7.12 15.45 7.60
N HIS A 398 -6.96 14.47 6.72
CA HIS A 398 -5.82 14.39 5.82
C HIS A 398 -6.05 15.24 4.58
N LEU A 399 -5.92 16.56 4.71
CA LEU A 399 -6.18 17.48 3.60
C LEU A 399 -5.07 17.33 2.57
N GLY A 400 -5.37 16.65 1.47
CA GLY A 400 -4.41 16.47 0.40
C GLY A 400 -3.95 15.02 0.26
N SER A 401 -2.84 14.83 -0.44
CA SER A 401 -2.30 13.48 -0.65
C SER A 401 -0.83 13.54 -1.02
N SER B 1 -13.51 7.98 -32.25
CA SER B 1 -14.68 8.44 -31.49
C SER B 1 -14.97 7.50 -30.33
N VAL B 2 -13.95 7.18 -29.55
CA VAL B 2 -14.12 6.28 -28.42
C VAL B 2 -14.59 7.07 -27.19
N PHE B 3 -15.91 7.08 -26.97
CA PHE B 3 -16.49 7.76 -25.84
C PHE B 3 -16.25 6.97 -24.56
N ALA B 4 -16.47 5.65 -24.62
CA ALA B 4 -16.30 4.72 -23.51
C ALA B 4 -17.31 5.00 -22.39
N TYR B 5 -18.12 4.01 -22.05
CA TYR B 5 -19.11 4.12 -21.00
C TYR B 5 -18.48 3.73 -19.66
N GLU B 6 -18.91 4.41 -18.60
CA GLU B 6 -18.48 4.08 -17.25
C GLU B 6 -19.67 4.11 -16.30
N SER B 7 -20.00 2.96 -15.72
CA SER B 7 -21.14 2.84 -14.82
C SER B 7 -20.65 2.61 -13.40
N SER B 8 -21.11 3.46 -12.49
CA SER B 8 -20.77 3.33 -11.08
C SER B 8 -21.72 2.41 -10.32
N VAL B 9 -22.69 1.82 -11.00
CA VAL B 9 -23.70 0.98 -10.37
C VAL B 9 -23.66 -0.45 -10.92
N HIS B 10 -22.76 -0.72 -11.86
CA HIS B 10 -22.69 -2.03 -12.49
C HIS B 10 -22.01 -3.09 -11.62
N SER B 11 -21.24 -2.70 -10.61
CA SER B 11 -20.56 -3.67 -9.77
C SER B 11 -21.40 -4.03 -8.55
N THR B 12 -22.00 -3.02 -7.92
CA THR B 12 -22.83 -3.27 -6.74
C THR B 12 -24.04 -4.13 -7.10
N ASN B 13 -24.67 -3.84 -8.23
CA ASN B 13 -25.81 -4.66 -8.64
C ASN B 13 -25.42 -6.08 -9.02
N VAL B 14 -24.27 -6.25 -9.66
CA VAL B 14 -23.82 -7.61 -9.97
C VAL B 14 -23.54 -8.39 -8.69
N LEU B 15 -22.89 -7.77 -7.70
CA LEU B 15 -22.62 -8.46 -6.45
C LEU B 15 -23.89 -8.70 -5.63
N LEU B 16 -24.91 -7.86 -5.77
CA LEU B 16 -26.20 -8.13 -5.13
C LEU B 16 -26.95 -9.26 -5.83
N SER B 17 -26.89 -9.32 -7.16
CA SER B 17 -27.46 -10.45 -7.88
C SER B 17 -26.77 -11.76 -7.55
N LEU B 18 -25.45 -11.75 -7.36
CA LEU B 18 -24.75 -12.93 -6.88
C LEU B 18 -25.24 -13.37 -5.51
N ASN B 19 -25.44 -12.42 -4.58
CA ASN B 19 -26.03 -12.74 -3.29
C ASN B 19 -27.43 -13.33 -3.41
N ASP B 20 -28.29 -12.75 -4.23
CA ASP B 20 -29.63 -13.28 -4.45
C ASP B 20 -29.61 -14.68 -5.05
N GLN B 21 -28.72 -14.94 -5.99
CA GLN B 21 -28.51 -16.28 -6.51
C GLN B 21 -28.00 -17.24 -5.46
N ARG B 22 -27.17 -16.76 -4.53
CA ARG B 22 -26.68 -17.60 -3.44
C ARG B 22 -27.81 -18.00 -2.50
N LYS B 23 -28.66 -17.05 -2.13
CA LYS B 23 -29.68 -17.30 -1.10
C LYS B 23 -30.64 -18.41 -1.48
N LYS B 24 -31.18 -18.37 -2.71
CA LYS B 24 -32.17 -19.36 -3.12
C LYS B 24 -31.56 -20.42 -4.04
N ASP B 25 -30.25 -20.63 -3.84
CA ASP B 25 -29.51 -21.70 -4.51
C ASP B 25 -29.69 -21.69 -6.02
N VAL B 26 -29.44 -20.55 -6.65
CA VAL B 26 -29.61 -20.40 -8.09
C VAL B 26 -28.22 -20.54 -8.71
N LEU B 27 -27.95 -21.70 -9.29
CA LEU B 27 -26.65 -22.11 -9.80
C LEU B 27 -25.52 -22.01 -8.78
N CYS B 28 -25.73 -22.47 -7.55
CA CYS B 28 -24.62 -22.66 -6.64
C CYS B 28 -23.90 -23.97 -6.97
N ASP B 29 -22.61 -23.90 -7.27
CA ASP B 29 -21.87 -25.07 -7.69
C ASP B 29 -20.78 -25.50 -6.71
N VAL B 30 -20.76 -24.95 -5.50
CA VAL B 30 -19.80 -25.36 -4.48
C VAL B 30 -20.49 -25.43 -3.13
N THR B 31 -20.16 -26.48 -2.37
CA THR B 31 -20.64 -26.65 -1.01
C THR B 31 -19.44 -26.71 -0.08
N ILE B 32 -19.51 -25.95 1.01
CA ILE B 32 -18.40 -25.83 1.95
C ILE B 32 -18.94 -26.20 3.33
N PHE B 33 -18.15 -26.93 4.10
CA PHE B 33 -18.52 -27.28 5.47
C PHE B 33 -17.64 -26.54 6.47
N VAL B 34 -18.29 -25.96 7.47
CA VAL B 34 -17.60 -25.40 8.63
C VAL B 34 -18.25 -26.02 9.86
N GLU B 35 -17.48 -26.77 10.64
CA GLU B 35 -18.04 -27.67 11.65
C GLU B 35 -19.12 -28.50 10.96
N GLY B 36 -20.36 -28.45 11.45
CA GLY B 36 -21.45 -28.75 10.55
C GLY B 36 -22.54 -27.70 10.57
N GLN B 37 -22.53 -26.84 9.56
CA GLN B 37 -23.65 -25.99 9.14
C GLN B 37 -23.42 -25.71 7.66
N ARG B 38 -24.12 -26.41 6.78
CA ARG B 38 -23.82 -26.35 5.36
C ARG B 38 -24.00 -24.94 4.80
N PHE B 39 -22.99 -24.47 4.07
CA PHE B 39 -23.05 -23.22 3.33
C PHE B 39 -22.95 -23.46 1.83
N ARG B 40 -23.56 -22.57 1.07
CA ARG B 40 -23.53 -22.64 -0.39
C ARG B 40 -23.01 -21.32 -0.94
N ALA B 41 -22.24 -21.41 -2.01
CA ALA B 41 -21.63 -20.22 -2.62
C ALA B 41 -21.37 -20.51 -4.09
N HIS B 42 -20.62 -19.61 -4.73
CA HIS B 42 -20.22 -19.76 -6.12
C HIS B 42 -18.74 -20.05 -6.20
N ARG B 43 -18.36 -20.94 -7.11
CA ARG B 43 -16.95 -21.27 -7.27
C ARG B 43 -16.14 -20.07 -7.73
N SER B 44 -16.64 -19.33 -8.72
CA SER B 44 -15.91 -18.20 -9.27
C SER B 44 -15.74 -17.07 -8.27
N VAL B 45 -16.78 -16.78 -7.47
CA VAL B 45 -16.71 -15.68 -6.52
C VAL B 45 -15.62 -15.94 -5.48
N LEU B 46 -15.61 -17.13 -4.89
CA LEU B 46 -14.60 -17.48 -3.90
C LEU B 46 -13.24 -17.76 -4.52
N ALA B 47 -13.18 -18.03 -5.81
CA ALA B 47 -11.88 -18.22 -6.45
C ALA B 47 -11.08 -16.94 -6.54
N ALA B 48 -11.69 -15.78 -6.29
CA ALA B 48 -10.99 -14.51 -6.40
C ALA B 48 -11.15 -13.67 -5.14
N CYS B 49 -12.24 -13.90 -4.40
CA CYS B 49 -12.46 -13.13 -3.18
C CYS B 49 -11.41 -13.44 -2.12
N SER B 50 -11.04 -14.71 -1.98
CA SER B 50 -10.04 -15.15 -1.01
C SER B 50 -8.80 -15.64 -1.76
N SER B 51 -7.79 -16.07 -1.02
CA SER B 51 -6.56 -16.58 -1.62
C SER B 51 -6.23 -17.95 -1.04
N TYR B 52 -7.23 -18.64 -0.52
CA TYR B 52 -7.10 -20.03 -0.12
C TYR B 52 -8.11 -20.84 -0.92
N PHE B 53 -9.23 -20.22 -1.23
CA PHE B 53 -10.19 -20.74 -2.19
C PHE B 53 -9.77 -20.42 -3.61
N HIS B 54 -8.49 -20.08 -3.78
CA HIS B 54 -7.89 -20.05 -5.10
C HIS B 54 -6.81 -21.12 -5.23
N SER B 55 -6.41 -21.77 -4.14
CA SER B 55 -5.50 -22.90 -4.18
C SER B 55 -6.22 -24.21 -3.88
N ARG B 56 -7.41 -24.15 -3.27
CA ARG B 56 -8.19 -25.37 -3.07
C ARG B 56 -9.44 -25.38 -3.93
N ILE B 57 -9.44 -24.58 -5.00
CA ILE B 57 -10.55 -24.54 -5.94
C ILE B 57 -10.11 -24.81 -7.38
N VAL B 58 -8.85 -24.56 -7.73
CA VAL B 58 -8.39 -24.74 -9.10
C VAL B 58 -7.82 -26.15 -9.24
N GLY B 59 -7.67 -26.61 -10.48
CA GLY B 59 -7.22 -27.96 -10.73
C GLY B 59 -8.20 -29.03 -10.30
N GLN B 60 -9.49 -28.78 -10.50
CA GLN B 60 -10.53 -29.76 -10.18
C GLN B 60 -11.37 -29.97 -11.43
N ALA B 61 -12.47 -30.71 -11.30
CA ALA B 61 -13.37 -30.95 -12.41
C ALA B 61 -14.67 -30.19 -12.21
N ASP B 62 -15.62 -30.35 -13.13
CA ASP B 62 -16.93 -29.72 -13.01
C ASP B 62 -17.79 -30.37 -11.94
N GLY B 63 -17.45 -31.58 -11.51
CA GLY B 63 -18.15 -32.19 -10.38
C GLY B 63 -17.98 -31.35 -9.12
N GLU B 64 -19.09 -31.15 -8.43
CA GLU B 64 -19.10 -30.26 -7.27
C GLU B 64 -18.10 -30.72 -6.22
N LEU B 65 -17.24 -29.81 -5.81
CA LEU B 65 -16.22 -30.08 -4.79
C LEU B 65 -16.75 -29.62 -3.44
N ASN B 66 -16.68 -30.50 -2.45
CA ASN B 66 -17.14 -30.22 -1.10
C ASN B 66 -15.91 -30.04 -0.21
N ILE B 67 -15.43 -28.80 -0.10
CA ILE B 67 -14.28 -28.50 0.73
C ILE B 67 -14.73 -28.27 2.16
N THR B 68 -13.87 -28.65 3.11
CA THR B 68 -14.17 -28.54 4.52
C THR B 68 -13.06 -27.76 5.22
N LEU B 69 -13.45 -26.96 6.21
CA LEU B 69 -12.50 -26.18 6.98
C LEU B 69 -12.32 -26.76 8.39
N PRO B 70 -11.10 -26.73 8.92
CA PRO B 70 -10.86 -27.29 10.25
C PRO B 70 -11.59 -26.54 11.36
N GLU B 71 -11.45 -27.04 12.59
CA GLU B 71 -12.11 -26.46 13.76
C GLU B 71 -11.48 -25.14 14.18
N GLU B 72 -10.32 -24.79 13.61
CA GLU B 72 -9.67 -23.54 13.98
C GLU B 72 -10.52 -22.34 13.57
N VAL B 73 -11.28 -22.47 12.48
CA VAL B 73 -12.30 -21.50 12.15
C VAL B 73 -13.64 -22.06 12.59
N THR B 74 -14.60 -21.18 12.89
CA THR B 74 -15.91 -21.63 13.37
C THR B 74 -16.98 -20.98 12.49
N VAL B 75 -18.24 -21.14 12.88
CA VAL B 75 -19.35 -20.55 12.16
C VAL B 75 -19.66 -19.13 12.65
N LYS B 76 -19.18 -18.74 13.83
CA LYS B 76 -19.38 -17.40 14.34
C LYS B 76 -18.53 -16.37 13.63
N GLY B 77 -17.47 -16.81 12.94
CA GLY B 77 -16.61 -15.89 12.23
C GLY B 77 -16.75 -15.95 10.73
N PHE B 78 -17.33 -17.04 10.22
CA PHE B 78 -17.50 -17.19 8.79
C PHE B 78 -18.75 -16.49 8.26
N GLU B 79 -19.88 -16.61 8.95
CA GLU B 79 -21.11 -16.01 8.43
C GLU B 79 -20.98 -14.51 8.24
N PRO B 80 -20.43 -13.74 9.18
CA PRO B 80 -20.01 -12.40 8.89
C PRO B 80 -19.08 -12.26 7.69
N LEU B 81 -18.16 -13.18 7.48
CA LEU B 81 -17.14 -13.03 6.46
C LEU B 81 -17.65 -13.36 5.06
N ILE B 82 -18.39 -14.47 4.92
CA ILE B 82 -18.91 -14.84 3.61
C ILE B 82 -20.01 -13.91 3.14
N GLN B 83 -20.72 -13.25 4.06
CA GLN B 83 -21.69 -12.23 3.70
C GLN B 83 -21.03 -10.95 3.22
N PHE B 84 -19.89 -10.59 3.79
CA PHE B 84 -19.04 -9.54 3.24
C PHE B 84 -18.41 -9.92 1.91
N ALA B 85 -18.12 -11.20 1.70
CA ALA B 85 -17.59 -11.69 0.44
C ALA B 85 -18.59 -11.56 -0.71
N TYR B 86 -19.85 -11.26 -0.40
CA TYR B 86 -20.87 -11.13 -1.43
C TYR B 86 -21.57 -9.77 -1.43
N THR B 87 -21.57 -9.04 -0.31
CA THR B 87 -22.29 -7.77 -0.24
C THR B 87 -21.36 -6.60 0.08
N ALA B 88 -20.09 -6.88 0.32
CA ALA B 88 -19.10 -5.87 0.68
C ALA B 88 -19.54 -5.06 1.89
N LYS B 89 -20.07 -5.77 2.90
CA LYS B 89 -20.47 -5.16 4.16
C LYS B 89 -20.36 -6.18 5.28
N LEU B 90 -19.51 -5.91 6.26
CA LEU B 90 -19.14 -6.88 7.29
C LEU B 90 -19.57 -6.33 8.64
N ILE B 91 -20.64 -6.90 9.21
CA ILE B 91 -21.16 -6.46 10.50
C ILE B 91 -20.24 -6.96 11.60
N LEU B 92 -19.98 -6.13 12.60
CA LEU B 92 -19.15 -6.50 13.73
C LEU B 92 -19.91 -6.33 15.04
N SER B 93 -19.62 -7.22 15.98
CA SER B 93 -20.27 -7.21 17.29
C SER B 93 -19.24 -7.66 18.32
N LYS B 94 -19.64 -7.62 19.60
CA LYS B 94 -18.74 -7.90 20.71
C LYS B 94 -18.06 -9.26 20.59
N GLU B 95 -18.84 -10.32 20.40
CA GLU B 95 -18.25 -11.66 20.31
C GLU B 95 -17.66 -11.92 18.93
N ASN B 96 -17.97 -11.06 17.96
CA ASN B 96 -17.53 -11.32 16.59
C ASN B 96 -16.06 -11.00 16.37
N VAL B 97 -15.53 -9.98 17.04
CA VAL B 97 -14.28 -9.35 16.62
C VAL B 97 -13.14 -10.36 16.57
N ASP B 98 -12.95 -11.10 17.67
CA ASP B 98 -11.80 -12.00 17.75
C ASP B 98 -11.86 -13.07 16.67
N GLU B 99 -13.01 -13.74 16.55
CA GLU B 99 -13.09 -14.85 15.62
C GLU B 99 -13.14 -14.36 14.17
N VAL B 100 -13.83 -13.25 13.92
CA VAL B 100 -13.89 -12.73 12.56
C VAL B 100 -12.53 -12.23 12.10
N CYS B 101 -11.71 -11.75 13.02
CA CYS B 101 -10.34 -11.37 12.65
C CYS B 101 -9.46 -12.61 12.48
N LYS B 102 -9.70 -13.63 13.30
CA LYS B 102 -8.91 -14.86 13.22
C LYS B 102 -9.21 -15.62 11.94
N CYS B 103 -10.40 -15.43 11.38
CA CYS B 103 -10.74 -16.11 10.13
C CYS B 103 -9.92 -15.60 8.96
N VAL B 104 -9.55 -14.31 8.98
CA VAL B 104 -8.98 -13.64 7.81
C VAL B 104 -7.63 -14.23 7.41
N GLU B 105 -6.72 -14.41 8.37
CA GLU B 105 -5.36 -14.80 8.01
C GLU B 105 -5.30 -16.23 7.48
N PHE B 106 -6.25 -17.08 7.86
CA PHE B 106 -6.27 -18.43 7.32
C PHE B 106 -6.87 -18.46 5.92
N LEU B 107 -7.40 -17.33 5.47
CA LEU B 107 -8.05 -17.28 4.17
C LEU B 107 -7.40 -16.20 3.31
N SER B 108 -6.87 -15.17 3.94
CA SER B 108 -6.24 -14.02 3.27
C SER B 108 -7.18 -13.45 2.21
N VAL B 109 -8.42 -13.24 2.63
CA VAL B 109 -9.46 -12.66 1.79
C VAL B 109 -9.03 -11.24 1.45
N HIS B 110 -9.14 -10.87 0.17
CA HIS B 110 -8.58 -9.62 -0.30
C HIS B 110 -9.49 -8.45 0.01
N ASN B 111 -8.97 -7.23 -0.14
CA ASN B 111 -9.67 -5.97 0.01
C ASN B 111 -10.26 -5.78 1.39
N ILE B 112 -9.78 -6.49 2.40
CA ILE B 112 -10.14 -6.25 3.79
C ILE B 112 -8.85 -6.06 4.56
N GLU B 113 -8.83 -5.06 5.44
CA GLU B 113 -7.62 -4.74 6.19
C GLU B 113 -7.84 -5.06 7.67
N GLU B 114 -6.90 -5.82 8.24
CA GLU B 114 -7.07 -6.38 9.57
C GLU B 114 -6.36 -5.54 10.62
N SER B 115 -6.16 -4.26 10.34
CA SER B 115 -5.54 -3.36 11.29
C SER B 115 -6.55 -2.32 11.75
N CYS B 116 -7.59 -2.11 10.95
CA CYS B 116 -8.64 -1.18 11.33
C CYS B 116 -9.51 -1.74 12.45
N PHE B 117 -9.57 -3.07 12.58
CA PHE B 117 -10.39 -3.67 13.63
C PHE B 117 -9.91 -3.31 15.02
N GLN B 118 -8.61 -3.05 15.19
CA GLN B 118 -8.09 -2.66 16.50
C GLN B 118 -8.31 -1.17 16.73
N PHE B 119 -9.54 -0.72 16.51
CA PHE B 119 -9.89 0.68 16.71
C PHE B 119 -11.24 0.76 17.42
N LEU B 120 -12.02 -0.30 17.30
CA LEU B 120 -13.38 -0.33 17.82
C LEU B 120 -13.37 -0.34 19.34
N LYS B 121 -14.36 0.36 19.92
CA LYS B 121 -14.50 0.36 21.37
C LYS B 121 -15.04 -0.96 21.86
N PHE B 122 -16.26 -1.30 21.46
CA PHE B 122 -16.91 -2.57 21.79
C PHE B 122 -16.80 -2.92 23.28
N SER C 1 -24.07 -1.51 20.54
CA SER C 1 -22.64 -1.78 20.36
C SER C 1 -22.41 -2.72 19.19
N VAL C 2 -22.82 -2.29 18.00
CA VAL C 2 -22.62 -3.05 16.77
C VAL C 2 -22.04 -2.12 15.73
N PHE C 3 -20.95 -2.54 15.08
CA PHE C 3 -20.25 -1.72 14.11
C PHE C 3 -20.31 -2.38 12.74
N ALA C 4 -20.23 -1.55 11.72
CA ALA C 4 -20.28 -1.98 10.33
C ALA C 4 -18.94 -1.71 9.65
N TYR C 5 -18.74 -2.38 8.51
CA TYR C 5 -17.53 -2.20 7.71
C TYR C 5 -17.99 -2.21 6.25
N GLU C 6 -18.23 -1.01 5.71
CA GLU C 6 -18.70 -0.88 4.34
C GLU C 6 -17.53 -0.47 3.45
N SER C 7 -17.18 -1.35 2.51
CA SER C 7 -16.07 -1.11 1.61
C SER C 7 -16.57 -0.43 0.33
N SER C 8 -15.63 0.16 -0.41
CA SER C 8 -16.03 0.79 -1.69
C SER C 8 -15.15 0.35 -2.84
N VAL C 9 -14.27 -0.64 -2.67
CA VAL C 9 -13.41 -1.12 -3.73
C VAL C 9 -13.53 -2.62 -3.95
N HIS C 10 -14.20 -3.34 -3.05
CA HIS C 10 -14.31 -4.79 -3.19
C HIS C 10 -15.02 -5.18 -4.48
N SER C 11 -16.09 -4.46 -4.82
CA SER C 11 -16.87 -4.82 -6.00
C SER C 11 -16.03 -4.73 -7.27
N THR C 12 -15.31 -3.62 -7.43
CA THR C 12 -14.50 -3.45 -8.63
C THR C 12 -13.37 -4.48 -8.71
N ASN C 13 -12.69 -4.74 -7.61
CA ASN C 13 -11.61 -5.72 -7.64
C ASN C 13 -12.13 -7.14 -7.90
N VAL C 14 -13.25 -7.52 -7.29
CA VAL C 14 -13.77 -8.85 -7.54
C VAL C 14 -14.24 -8.98 -8.97
N LEU C 15 -14.84 -7.92 -9.54
CA LEU C 15 -15.22 -7.96 -10.95
C LEU C 15 -14.02 -8.06 -11.88
N LEU C 16 -12.97 -7.28 -11.63
CA LEU C 16 -11.76 -7.38 -12.43
C LEU C 16 -11.08 -8.73 -12.32
N SER C 17 -11.00 -9.31 -11.13
CA SER C 17 -10.43 -10.64 -10.97
C SER C 17 -11.28 -11.71 -11.63
N LEU C 18 -12.60 -11.59 -11.57
CA LEU C 18 -13.47 -12.49 -12.31
C LEU C 18 -13.30 -12.35 -13.81
N ASN C 19 -13.09 -11.13 -14.31
CA ASN C 19 -12.75 -10.93 -15.72
C ASN C 19 -11.42 -11.56 -16.10
N ASP C 20 -10.41 -11.46 -15.24
CA ASP C 20 -9.15 -12.17 -15.49
C ASP C 20 -9.37 -13.67 -15.53
N GLN C 21 -10.21 -14.19 -14.63
CA GLN C 21 -10.56 -15.60 -14.67
C GLN C 21 -11.23 -15.95 -16.00
N ARG C 22 -12.14 -15.08 -16.46
CA ARG C 22 -12.81 -15.17 -17.75
C ARG C 22 -11.85 -15.27 -18.89
N LYS C 23 -10.77 -14.49 -18.85
CA LYS C 23 -9.77 -14.54 -19.91
C LYS C 23 -8.77 -15.67 -19.75
N LYS C 24 -8.84 -16.48 -18.70
CA LYS C 24 -7.87 -17.54 -18.45
C LYS C 24 -8.60 -18.83 -18.07
N ASP C 25 -9.02 -19.59 -19.08
CA ASP C 25 -9.46 -20.99 -18.97
C ASP C 25 -10.25 -21.32 -17.70
N VAL C 26 -9.53 -21.41 -16.58
CA VAL C 26 -10.06 -22.06 -15.39
C VAL C 26 -11.28 -21.32 -14.84
N LEU C 27 -12.13 -22.08 -14.14
CA LEU C 27 -13.36 -21.61 -13.51
C LEU C 27 -14.38 -21.05 -14.49
N CYS C 28 -14.12 -21.19 -15.79
CA CYS C 28 -15.12 -20.83 -16.78
C CYS C 28 -15.93 -22.06 -17.16
N ASP C 29 -17.26 -21.94 -17.09
CA ASP C 29 -18.14 -23.10 -17.16
C ASP C 29 -19.32 -22.83 -18.10
N VAL C 30 -19.08 -22.07 -19.16
CA VAL C 30 -20.06 -21.89 -20.24
C VAL C 30 -19.35 -21.31 -21.45
N THR C 31 -19.78 -21.72 -22.64
CA THR C 31 -19.17 -21.24 -23.88
C THR C 31 -20.27 -20.64 -24.75
N ILE C 32 -20.01 -19.45 -25.28
CA ILE C 32 -20.97 -18.74 -26.12
C ILE C 32 -20.56 -18.96 -27.57
N PHE C 33 -21.20 -19.93 -28.23
CA PHE C 33 -20.96 -20.19 -29.64
C PHE C 33 -21.71 -19.14 -30.46
N VAL C 34 -20.98 -18.20 -31.03
CA VAL C 34 -21.57 -17.12 -31.82
C VAL C 34 -20.89 -17.05 -33.18
N GLU C 35 -21.68 -17.26 -34.23
CA GLU C 35 -21.29 -17.00 -35.62
C GLU C 35 -20.05 -17.80 -36.04
N GLY C 36 -19.73 -18.87 -35.33
CA GLY C 36 -18.60 -19.69 -35.70
C GLY C 36 -17.43 -19.64 -34.74
N GLN C 37 -17.11 -18.45 -34.24
CA GLN C 37 -16.02 -18.31 -33.28
C GLN C 37 -16.55 -18.63 -31.88
N ARG C 38 -15.65 -18.75 -30.90
CA ARG C 38 -15.97 -19.22 -29.57
C ARG C 38 -15.81 -18.08 -28.57
N PHE C 39 -16.72 -18.04 -27.61
CA PHE C 39 -16.60 -17.12 -26.50
C PHE C 39 -16.91 -17.88 -25.22
N ARG C 40 -16.08 -17.71 -24.22
CA ARG C 40 -16.17 -18.47 -22.98
C ARG C 40 -16.33 -17.52 -21.80
N ALA C 41 -17.25 -17.85 -20.91
CA ALA C 41 -17.66 -16.94 -19.84
C ALA C 41 -18.05 -17.76 -18.62
N HIS C 42 -18.77 -17.13 -17.70
CA HIS C 42 -19.20 -17.74 -16.45
C HIS C 42 -20.71 -17.88 -16.45
N ARG C 43 -21.22 -18.82 -15.65
CA ARG C 43 -22.67 -19.06 -15.55
C ARG C 43 -23.25 -18.31 -14.35
N SER C 44 -22.50 -17.33 -13.87
CA SER C 44 -22.97 -16.57 -12.71
C SER C 44 -23.10 -15.10 -13.05
N VAL C 45 -22.12 -14.56 -13.78
CA VAL C 45 -22.19 -13.16 -14.18
C VAL C 45 -23.29 -12.97 -15.23
N LEU C 46 -23.32 -13.83 -16.24
CA LEU C 46 -24.29 -13.71 -17.32
C LEU C 46 -25.73 -13.88 -16.86
N ALA C 47 -25.96 -14.48 -15.69
CA ALA C 47 -27.31 -14.59 -15.17
C ALA C 47 -27.59 -13.41 -14.23
N ALA C 48 -26.77 -12.37 -14.32
CA ALA C 48 -26.90 -11.20 -13.47
C ALA C 48 -26.88 -9.91 -14.28
N CYS C 49 -26.31 -9.97 -15.49
CA CYS C 49 -26.21 -8.78 -16.32
C CYS C 49 -27.47 -8.51 -17.13
N SER C 50 -28.24 -9.55 -17.45
CA SER C 50 -29.39 -9.36 -18.33
C SER C 50 -30.52 -10.33 -17.98
N SER C 51 -31.50 -10.44 -18.87
CA SER C 51 -32.61 -11.37 -18.67
C SER C 51 -32.72 -12.44 -19.75
N TYR C 52 -32.23 -12.21 -20.96
CA TYR C 52 -32.26 -13.27 -21.98
C TYR C 52 -31.45 -14.47 -21.52
N PHE C 53 -30.23 -14.24 -21.02
CA PHE C 53 -29.43 -15.34 -20.49
C PHE C 53 -30.08 -15.95 -19.25
N HIS C 54 -30.68 -15.09 -18.42
CA HIS C 54 -31.28 -15.55 -17.17
C HIS C 54 -32.42 -16.53 -17.43
N SER C 55 -33.27 -16.22 -18.42
CA SER C 55 -34.39 -17.10 -18.75
C SER C 55 -33.96 -18.41 -19.38
N ARG C 56 -32.73 -18.51 -19.88
CA ARG C 56 -32.26 -19.72 -20.53
C ARG C 56 -31.22 -20.50 -19.74
N ILE C 57 -30.73 -19.97 -18.62
CA ILE C 57 -29.65 -20.60 -17.88
C ILE C 57 -30.16 -21.41 -16.69
N VAL C 58 -31.25 -20.95 -16.07
CA VAL C 58 -31.75 -21.56 -14.83
C VAL C 58 -32.47 -22.87 -15.13
N GLY C 59 -32.49 -23.76 -14.13
CA GLY C 59 -33.26 -24.98 -14.23
C GLY C 59 -32.50 -26.14 -14.86
N GLN C 60 -31.78 -25.85 -15.93
CA GLN C 60 -31.04 -26.87 -16.65
C GLN C 60 -29.87 -27.38 -15.81
N ALA C 61 -29.60 -28.68 -15.93
CA ALA C 61 -28.57 -29.33 -15.12
C ALA C 61 -27.17 -28.81 -15.45
N ASP C 62 -26.25 -28.97 -14.52
CA ASP C 62 -24.86 -28.54 -14.72
C ASP C 62 -24.18 -29.41 -15.77
N GLY C 63 -23.21 -28.82 -16.46
CA GLY C 63 -22.41 -29.56 -17.42
C GLY C 63 -22.01 -28.67 -18.59
N GLU C 64 -21.51 -29.33 -19.63
CA GLU C 64 -21.11 -28.64 -20.85
C GLU C 64 -22.31 -27.93 -21.47
N LEU C 65 -22.08 -26.71 -21.95
CA LEU C 65 -23.18 -25.86 -22.39
C LEU C 65 -22.82 -25.10 -23.66
N ASN C 66 -23.77 -25.06 -24.59
CA ASN C 66 -23.81 -24.10 -25.67
C ASN C 66 -25.12 -23.33 -25.56
N ILE C 67 -25.04 -22.01 -25.53
CA ILE C 67 -26.21 -21.16 -25.38
C ILE C 67 -26.22 -20.25 -26.61
N THR C 68 -25.87 -20.83 -27.76
CA THR C 68 -25.70 -20.13 -29.03
C THR C 68 -26.74 -19.05 -29.30
N LEU C 69 -26.28 -17.83 -29.54
CA LEU C 69 -27.18 -16.76 -30.00
C LEU C 69 -27.36 -16.93 -31.51
N PRO C 70 -28.55 -17.32 -31.99
CA PRO C 70 -28.64 -17.95 -33.31
C PRO C 70 -28.15 -17.10 -34.49
N GLU C 71 -28.80 -15.98 -34.79
CA GLU C 71 -28.35 -15.18 -35.92
C GLU C 71 -28.45 -13.68 -35.68
N GLU C 72 -29.33 -13.26 -34.79
CA GLU C 72 -29.75 -11.86 -34.70
C GLU C 72 -28.62 -10.94 -34.26
N VAL C 73 -27.82 -11.39 -33.27
CA VAL C 73 -26.72 -10.57 -32.79
C VAL C 73 -25.55 -10.67 -33.76
N THR C 74 -24.71 -9.65 -33.76
CA THR C 74 -23.46 -9.65 -34.50
C THR C 74 -22.32 -10.04 -33.55
N VAL C 75 -21.10 -9.97 -34.05
CA VAL C 75 -19.91 -10.15 -33.23
C VAL C 75 -19.29 -8.81 -32.87
N LYS C 76 -19.28 -7.87 -33.81
CA LYS C 76 -18.81 -6.52 -33.51
C LYS C 76 -19.67 -5.87 -32.43
N GLY C 77 -20.94 -6.27 -32.36
CA GLY C 77 -21.82 -5.77 -31.32
C GLY C 77 -21.89 -6.69 -30.11
N PHE C 78 -21.20 -7.83 -30.18
CA PHE C 78 -21.19 -8.77 -29.06
C PHE C 78 -19.95 -8.63 -28.20
N GLU C 79 -18.79 -8.45 -28.82
CA GLU C 79 -17.53 -8.33 -28.07
C GLU C 79 -17.57 -7.23 -27.01
N PRO C 80 -18.05 -6.02 -27.28
CA PRO C 80 -18.12 -5.01 -26.19
C PRO C 80 -19.11 -5.36 -25.09
N LEU C 81 -20.15 -6.15 -25.38
CA LEU C 81 -21.17 -6.43 -24.37
C LEU C 81 -20.65 -7.24 -23.20
N ILE C 82 -19.96 -8.37 -23.44
CA ILE C 82 -19.41 -9.15 -22.34
C ILE C 82 -18.26 -8.41 -21.67
N GLN C 83 -17.53 -7.56 -22.39
CA GLN C 83 -16.53 -6.71 -21.76
C GLN C 83 -17.17 -5.77 -20.75
N PHE C 84 -18.30 -5.15 -21.12
CA PHE C 84 -19.04 -4.34 -20.16
C PHE C 84 -19.59 -5.18 -19.03
N ALA C 85 -20.01 -6.42 -19.32
CA ALA C 85 -20.56 -7.27 -18.27
C ALA C 85 -19.51 -7.60 -17.22
N TYR C 86 -18.27 -7.85 -17.64
CA TYR C 86 -17.24 -8.34 -16.73
C TYR C 86 -16.33 -7.23 -16.19
N THR C 87 -16.34 -6.04 -16.78
CA THR C 87 -15.37 -5.02 -16.38
C THR C 87 -16.05 -3.68 -16.14
N ALA C 88 -17.25 -3.51 -16.71
CA ALA C 88 -18.06 -2.31 -16.57
C ALA C 88 -17.48 -1.12 -17.32
N LYS C 89 -16.88 -1.38 -18.49
CA LYS C 89 -16.51 -0.30 -19.40
C LYS C 89 -16.96 -0.69 -20.80
N LEU C 90 -17.22 0.29 -21.64
CA LEU C 90 -17.66 0.04 -23.00
C LEU C 90 -16.65 0.61 -24.00
N ILE C 91 -16.69 0.06 -25.21
CA ILE C 91 -15.87 0.57 -26.30
C ILE C 91 -16.78 0.86 -27.48
N LEU C 92 -17.08 2.13 -27.70
CA LEU C 92 -17.98 2.53 -28.77
C LEU C 92 -17.25 3.41 -29.78
N SER C 93 -17.56 3.18 -31.05
CA SER C 93 -17.00 3.96 -32.15
C SER C 93 -18.10 4.19 -33.17
N LYS C 94 -17.87 5.14 -34.08
CA LYS C 94 -18.86 5.54 -35.07
C LYS C 94 -19.23 4.41 -36.03
N GLU C 95 -18.50 3.30 -35.95
CA GLU C 95 -18.81 2.13 -36.78
C GLU C 95 -19.21 0.97 -35.90
N ASN C 96 -19.63 1.26 -34.67
CA ASN C 96 -19.94 0.23 -33.69
C ASN C 96 -21.27 0.46 -33.00
N VAL C 97 -21.75 1.70 -33.00
CA VAL C 97 -22.88 2.11 -32.17
C VAL C 97 -24.14 1.33 -32.49
N ASP C 98 -24.43 1.15 -33.78
CA ASP C 98 -25.71 0.57 -34.18
C ASP C 98 -25.86 -0.86 -33.67
N GLU C 99 -24.84 -1.70 -33.88
CA GLU C 99 -24.95 -3.10 -33.47
C GLU C 99 -24.97 -3.24 -31.95
N VAL C 100 -24.18 -2.44 -31.23
CA VAL C 100 -24.22 -2.49 -29.78
C VAL C 100 -25.59 -2.07 -29.27
N CYS C 101 -26.15 -1.00 -29.82
CA CYS C 101 -27.48 -0.57 -29.40
C CYS C 101 -28.55 -1.61 -29.74
N LYS C 102 -28.39 -2.31 -30.86
CA LYS C 102 -29.31 -3.40 -31.19
C LYS C 102 -29.19 -4.52 -30.17
N CYS C 103 -27.97 -4.84 -29.76
CA CYS C 103 -27.75 -5.90 -28.77
C CYS C 103 -28.31 -5.56 -27.40
N VAL C 104 -28.15 -4.32 -26.93
CA VAL C 104 -28.69 -3.99 -25.62
C VAL C 104 -30.21 -4.07 -25.59
N GLU C 105 -30.89 -3.51 -26.58
CA GLU C 105 -32.35 -3.55 -26.59
C GLU C 105 -32.89 -4.96 -26.77
N PHE C 106 -32.07 -5.90 -27.22
CA PHE C 106 -32.46 -7.29 -27.34
C PHE C 106 -32.21 -8.05 -26.05
N LEU C 107 -30.96 -8.11 -25.60
CA LEU C 107 -30.62 -8.86 -24.40
C LEU C 107 -31.11 -8.20 -23.12
N SER C 108 -31.55 -6.95 -23.19
CA SER C 108 -32.04 -6.22 -22.01
C SER C 108 -31.00 -6.18 -20.89
N VAL C 109 -29.76 -5.85 -21.23
CA VAL C 109 -28.70 -5.74 -20.23
C VAL C 109 -29.01 -4.55 -19.33
N HIS C 110 -28.86 -4.74 -18.02
CA HIS C 110 -29.15 -3.68 -17.07
C HIS C 110 -27.90 -2.83 -16.81
N ASN C 111 -28.07 -1.83 -15.96
CA ASN C 111 -27.02 -0.88 -15.56
C ASN C 111 -26.35 -0.21 -16.75
N ILE C 112 -27.01 -0.19 -17.90
CA ILE C 112 -26.55 0.54 -19.07
C ILE C 112 -27.68 1.44 -19.54
N GLU C 113 -27.43 2.74 -19.60
CA GLU C 113 -28.44 3.71 -19.98
C GLU C 113 -28.35 4.00 -21.48
N GLU C 114 -29.43 4.56 -22.03
CA GLU C 114 -29.47 4.89 -23.45
C GLU C 114 -28.55 6.06 -23.79
N SER C 115 -27.72 6.49 -22.83
CA SER C 115 -26.81 7.62 -23.01
C SER C 115 -25.91 7.46 -24.23
N CYS C 116 -25.82 6.25 -24.80
CA CYS C 116 -25.14 6.03 -26.06
C CYS C 116 -26.06 6.45 -27.22
N PHE C 117 -26.48 7.71 -27.16
CA PHE C 117 -27.49 8.25 -28.06
C PHE C 117 -27.00 9.39 -28.93
N GLN C 118 -26.38 10.42 -28.37
CA GLN C 118 -25.98 11.59 -29.13
C GLN C 118 -24.49 11.87 -28.95
N PHE C 119 -23.77 10.96 -28.30
CA PHE C 119 -22.35 11.12 -28.08
C PHE C 119 -21.58 11.14 -29.40
N LEU C 120 -22.15 10.51 -30.43
CA LEU C 120 -21.52 10.41 -31.73
C LEU C 120 -21.32 11.78 -32.37
N LYS C 121 -20.58 11.82 -33.47
CA LYS C 121 -20.29 13.05 -34.21
C LYS C 121 -19.72 14.13 -33.29
N PRO D 2 43.23 10.93 -7.91
CA PRO D 2 42.16 11.60 -8.66
C PRO D 2 42.63 12.89 -9.34
N SER D 3 42.65 12.90 -10.67
CA SER D 3 43.11 14.07 -11.42
C SER D 3 42.36 14.16 -12.73
N ILE D 4 41.74 15.31 -12.97
CA ILE D 4 41.04 15.59 -14.22
C ILE D 4 41.32 17.04 -14.61
N LYS D 5 41.62 17.27 -15.89
CA LYS D 5 41.94 18.60 -16.40
C LYS D 5 40.78 19.09 -17.25
N LEU D 6 40.32 20.30 -16.98
CA LEU D 6 39.27 20.94 -17.75
C LEU D 6 39.86 22.06 -18.59
N GLN D 7 39.23 22.31 -19.74
CA GLN D 7 39.64 23.38 -20.65
C GLN D 7 38.50 24.37 -20.81
N SER D 8 38.80 25.64 -20.65
CA SER D 8 37.79 26.68 -20.78
C SER D 8 37.54 27.00 -22.25
N SER D 9 36.62 27.94 -22.50
CA SER D 9 36.24 28.24 -23.88
C SER D 9 37.32 29.02 -24.61
N ASP D 10 38.09 29.85 -23.91
CA ASP D 10 39.11 30.67 -24.56
C ASP D 10 40.44 29.94 -24.73
N GLY D 11 40.57 28.73 -24.22
CA GLY D 11 41.76 27.94 -24.48
C GLY D 11 42.66 27.69 -23.28
N GLU D 12 42.21 28.10 -22.09
CA GLU D 12 42.97 27.90 -20.88
C GLU D 12 42.65 26.54 -20.26
N ILE D 13 43.63 25.98 -19.54
CA ILE D 13 43.53 24.64 -18.97
C ILE D 13 43.76 24.75 -17.48
N PHE D 14 42.88 24.12 -16.69
CA PHE D 14 43.00 24.11 -15.24
C PHE D 14 42.79 22.68 -14.75
N GLU D 15 43.63 22.24 -13.83
CA GLU D 15 43.58 20.88 -13.29
C GLU D 15 42.83 20.91 -11.96
N VAL D 16 41.79 20.08 -11.84
CA VAL D 16 40.96 20.02 -10.66
C VAL D 16 40.86 18.57 -10.19
N ASP D 17 40.40 18.39 -8.96
CA ASP D 17 40.22 17.06 -8.39
C ASP D 17 38.94 16.43 -8.94
N VAL D 18 38.94 15.10 -9.01
CA VAL D 18 37.79 14.40 -9.57
C VAL D 18 36.57 14.55 -8.68
N GLU D 19 36.72 14.32 -7.37
CA GLU D 19 35.58 14.43 -6.47
C GLU D 19 35.05 15.86 -6.41
N ILE D 20 35.93 16.86 -6.45
CA ILE D 20 35.48 18.24 -6.47
C ILE D 20 34.79 18.55 -7.79
N ALA D 21 35.16 17.86 -8.87
CA ALA D 21 34.45 18.01 -10.13
C ALA D 21 33.14 17.23 -10.11
N LYS D 22 33.07 16.16 -9.32
CA LYS D 22 31.87 15.34 -9.25
C LYS D 22 30.75 16.09 -8.54
N GLN D 23 31.06 17.25 -7.95
CA GLN D 23 30.04 18.11 -7.37
C GLN D 23 29.06 18.57 -8.45
N SER D 24 29.57 18.90 -9.63
CA SER D 24 28.70 19.17 -10.77
C SER D 24 28.14 17.87 -11.32
N VAL D 25 26.81 17.83 -11.50
CA VAL D 25 26.17 16.61 -11.97
C VAL D 25 26.59 16.30 -13.41
N THR D 26 26.67 17.33 -14.25
CA THR D 26 27.00 17.11 -15.66
C THR D 26 28.37 16.47 -15.81
N ILE D 27 29.37 16.94 -15.07
CA ILE D 27 30.71 16.37 -15.19
C ILE D 27 30.72 14.92 -14.72
N LYS D 28 30.05 14.63 -13.60
CA LYS D 28 30.12 13.28 -13.04
C LYS D 28 29.33 12.28 -13.88
N THR D 29 28.23 12.72 -14.51
CA THR D 29 27.43 11.82 -15.32
C THR D 29 28.23 11.35 -16.54
N MET D 30 28.97 12.25 -17.16
CA MET D 30 29.80 11.90 -18.30
C MET D 30 31.00 11.07 -17.86
N LEU D 31 31.45 11.29 -16.62
CA LEU D 31 32.63 10.61 -16.11
C LEU D 31 32.33 9.29 -15.43
N GLU D 32 31.07 8.89 -15.33
CA GLU D 32 30.69 7.67 -14.61
C GLU D 32 29.98 6.68 -15.53
N ASP D 33 29.29 7.18 -16.56
CA ASP D 33 28.56 6.31 -17.47
C ASP D 33 29.33 6.17 -18.79
N LEU D 34 30.42 6.91 -18.92
CA LEU D 34 31.23 6.84 -20.14
C LEU D 34 32.70 6.61 -19.81
N GLY D 35 33.15 7.13 -18.66
CA GLY D 35 34.56 7.13 -18.33
C GLY D 35 35.09 5.82 -17.81
N MET D 36 34.28 4.76 -17.85
CA MET D 36 34.69 3.44 -17.40
C MET D 36 35.48 2.71 -18.49
N ASP D 37 36.58 3.32 -18.93
CA ASP D 37 37.44 2.76 -19.97
C ASP D 37 38.83 3.36 -19.85
N ASP D 38 39.74 2.92 -20.72
CA ASP D 38 41.08 3.49 -20.78
C ASP D 38 40.98 4.92 -21.31
N GLU D 39 41.13 5.90 -20.42
CA GLU D 39 40.94 7.29 -20.78
C GLU D 39 42.02 7.77 -21.75
N GLY D 40 41.66 8.73 -22.58
CA GLY D 40 42.66 9.45 -23.36
C GLY D 40 43.65 10.09 -22.43
N ASP D 41 44.94 10.06 -22.77
CA ASP D 41 45.98 10.34 -21.79
C ASP D 41 45.86 11.75 -21.26
N ASP D 42 45.34 11.88 -20.04
CA ASP D 42 45.07 13.15 -19.37
C ASP D 42 44.43 14.15 -20.31
N ASP D 43 43.49 13.69 -21.13
CA ASP D 43 42.88 14.55 -22.13
C ASP D 43 42.00 15.60 -21.47
N PRO D 44 42.16 16.87 -21.83
CA PRO D 44 41.33 17.92 -21.25
C PRO D 44 39.89 17.82 -21.74
N VAL D 45 38.97 18.34 -20.92
CA VAL D 45 37.55 18.36 -21.27
C VAL D 45 37.19 19.81 -21.61
N PRO D 46 37.03 20.14 -22.88
CA PRO D 46 36.83 21.54 -23.32
C PRO D 46 35.38 22.02 -23.20
N LEU D 47 35.03 22.53 -22.02
CA LEU D 47 33.71 23.11 -21.83
C LEU D 47 33.57 24.37 -22.67
N PRO D 48 32.84 24.32 -23.79
CA PRO D 48 32.82 25.48 -24.69
C PRO D 48 31.69 26.47 -24.40
N ASN D 49 31.47 26.81 -23.13
CA ASN D 49 30.46 27.83 -22.83
C ASN D 49 30.89 28.70 -21.67
N VAL D 50 32.08 28.46 -21.13
CA VAL D 50 32.58 29.19 -19.97
C VAL D 50 34.02 29.60 -20.25
N ASN D 51 34.33 30.87 -20.04
CA ASN D 51 35.67 31.38 -20.27
C ASN D 51 36.58 31.06 -19.08
N ALA D 52 37.84 31.49 -19.15
CA ALA D 52 38.82 31.17 -18.13
C ALA D 52 38.48 31.77 -16.77
N ALA D 53 38.03 33.03 -16.76
CA ALA D 53 37.80 33.72 -15.50
C ALA D 53 36.71 33.05 -14.68
N ILE D 54 35.61 32.64 -15.32
CA ILE D 54 34.48 32.10 -14.59
C ILE D 54 34.82 30.75 -13.99
N LEU D 55 35.56 29.92 -14.74
CA LEU D 55 35.89 28.58 -14.25
C LEU D 55 36.63 28.65 -12.91
N LYS D 56 37.44 29.69 -12.71
CA LYS D 56 38.05 29.90 -11.40
C LYS D 56 37.01 30.16 -10.34
N LYS D 57 36.03 31.02 -10.64
CA LYS D 57 35.02 31.37 -9.64
C LYS D 57 34.20 30.14 -9.26
N VAL D 58 33.83 29.33 -10.25
CA VAL D 58 33.10 28.09 -9.96
C VAL D 58 33.97 27.13 -9.16
N ILE D 59 35.23 26.95 -9.57
CA ILE D 59 36.10 26.02 -8.87
C ILE D 59 36.47 26.57 -7.49
N GLN D 60 36.50 27.89 -7.34
CA GLN D 60 36.72 28.48 -6.02
C GLN D 60 35.55 28.17 -5.10
N TRP D 61 34.33 28.25 -5.62
CA TRP D 61 33.16 27.89 -4.83
C TRP D 61 33.16 26.40 -4.50
N CYS D 62 33.57 25.57 -5.45
CA CYS D 62 33.62 24.13 -5.20
C CYS D 62 34.69 23.76 -4.18
N THR D 63 35.78 24.53 -4.11
CA THR D 63 36.83 24.22 -3.15
C THR D 63 36.35 24.37 -1.72
N HIS D 64 35.62 25.45 -1.42
CA HIS D 64 35.13 25.66 -0.06
C HIS D 64 33.97 24.74 0.26
N HIS D 65 33.03 24.58 -0.67
CA HIS D 65 31.81 23.81 -0.41
C HIS D 65 31.96 22.37 -0.91
N LYS D 66 32.91 21.66 -0.30
CA LYS D 66 33.17 20.27 -0.64
C LYS D 66 32.84 19.31 0.50
N ASP D 67 32.54 19.82 1.69
CA ASP D 67 32.12 18.99 2.81
C ASP D 67 30.66 19.20 3.18
N ASP D 68 29.78 19.38 2.20
CA ASP D 68 28.38 19.60 2.50
C ASP D 68 27.58 18.34 2.19
N PRO D 69 27.05 17.65 3.21
CA PRO D 69 26.16 16.51 2.95
C PRO D 69 24.90 16.97 2.25
N PRO D 70 24.58 16.40 1.10
CA PRO D 70 23.33 16.76 0.42
C PRO D 70 22.15 16.03 1.02
N PRO D 71 21.18 16.78 1.59
CA PRO D 71 20.01 16.17 2.22
C PRO D 71 18.88 15.87 1.23
N ASN D 77 16.30 19.47 3.06
CA ASN D 77 16.27 19.51 1.61
C ASN D 77 15.06 20.31 1.11
N LYS D 78 13.91 20.12 1.78
CA LYS D 78 12.68 20.82 1.43
C LYS D 78 12.23 21.60 2.67
N GLU D 79 12.63 22.87 2.74
CA GLU D 79 12.30 23.74 3.86
C GLU D 79 11.66 25.01 3.34
N LYS D 80 11.04 25.76 4.24
CA LYS D 80 10.52 27.08 3.89
C LYS D 80 11.68 27.97 3.44
N ARG D 81 11.52 28.64 2.30
CA ARG D 81 12.59 29.44 1.72
C ARG D 81 13.02 30.54 2.70
N THR D 82 14.33 30.73 2.85
CA THR D 82 14.83 31.64 3.87
C THR D 82 16.00 32.47 3.36
N ASP D 83 16.74 33.10 4.29
CA ASP D 83 17.82 34.00 3.94
C ASP D 83 19.10 33.65 4.69
N ASP D 84 19.37 32.36 4.89
CA ASP D 84 20.56 31.94 5.62
C ASP D 84 21.83 32.44 4.94
N ILE D 85 22.03 32.06 3.68
CA ILE D 85 23.12 32.50 2.80
C ILE D 85 24.44 32.57 3.58
N PRO D 86 25.09 31.41 3.83
CA PRO D 86 26.32 31.38 4.65
C PRO D 86 27.33 32.49 4.36
N VAL D 87 28.13 32.82 5.37
CA VAL D 87 28.98 34.00 5.38
C VAL D 87 29.89 34.07 4.15
N TRP D 88 30.34 32.91 3.67
CA TRP D 88 31.31 32.89 2.58
C TRP D 88 30.74 33.37 1.24
N ASP D 89 29.46 33.10 0.98
CA ASP D 89 28.94 33.26 -0.37
C ASP D 89 28.89 34.72 -0.79
N GLN D 90 28.32 35.59 0.05
CA GLN D 90 28.21 37.00 -0.34
C GLN D 90 29.58 37.66 -0.41
N GLU D 91 30.53 37.22 0.41
CA GLU D 91 31.91 37.65 0.21
C GLU D 91 32.44 37.23 -1.14
N PHE D 92 32.16 35.99 -1.55
CA PHE D 92 32.50 35.54 -2.89
C PHE D 92 31.73 36.36 -3.92
N LEU D 93 30.45 36.63 -3.63
CA LEU D 93 29.53 37.17 -4.63
C LEU D 93 29.56 38.68 -4.77
N LYS D 94 30.34 39.40 -3.96
CA LYS D 94 30.43 40.83 -4.20
C LYS D 94 31.25 41.07 -5.45
N VAL D 95 30.60 41.01 -6.61
CA VAL D 95 31.26 41.23 -7.89
C VAL D 95 30.28 42.07 -8.71
N ASP D 96 30.75 42.67 -9.80
CA ASP D 96 29.90 43.50 -10.64
C ASP D 96 28.73 42.70 -11.19
N GLN D 97 27.74 43.40 -11.70
CA GLN D 97 26.48 42.76 -12.07
C GLN D 97 26.68 41.70 -13.14
N GLY D 98 27.50 41.99 -14.15
CA GLY D 98 27.60 41.10 -15.29
C GLY D 98 28.12 39.72 -14.94
N THR D 99 29.19 39.67 -14.12
CA THR D 99 29.81 38.39 -13.80
C THR D 99 28.87 37.49 -13.00
N LEU D 100 28.08 38.09 -12.10
CA LEU D 100 27.11 37.31 -11.34
C LEU D 100 26.14 36.59 -12.26
N PHE D 101 25.70 37.27 -13.32
CA PHE D 101 24.85 36.64 -14.32
C PHE D 101 25.57 35.51 -15.04
N GLU D 102 26.86 35.69 -15.31
CA GLU D 102 27.63 34.64 -15.98
C GLU D 102 27.75 33.40 -15.09
N LEU D 103 27.81 33.60 -13.77
CA LEU D 103 27.80 32.45 -12.87
C LEU D 103 26.48 31.70 -12.94
N ILE D 104 25.39 32.41 -13.21
CA ILE D 104 24.09 31.75 -13.34
C ILE D 104 24.11 30.76 -14.49
N LEU D 105 24.66 31.18 -15.64
CA LEU D 105 24.80 30.26 -16.76
C LEU D 105 25.75 29.13 -16.43
N ALA D 106 26.89 29.44 -15.81
CA ALA D 106 27.85 28.40 -15.47
C ALA D 106 27.24 27.41 -14.47
N ALA D 107 26.51 27.91 -13.47
CA ALA D 107 25.82 27.01 -12.55
C ALA D 107 24.74 26.20 -13.26
N ASN D 108 23.99 26.83 -14.16
CA ASN D 108 22.94 26.12 -14.88
C ASN D 108 23.51 25.15 -15.91
N TYR D 109 24.59 25.54 -16.59
CA TYR D 109 25.15 24.68 -17.63
C TYR D 109 25.75 23.41 -17.03
N LEU D 110 26.52 23.54 -15.95
CA LEU D 110 27.12 22.36 -15.34
C LEU D 110 26.19 21.69 -14.34
N ASP D 111 25.05 22.30 -14.04
CA ASP D 111 24.08 21.79 -13.08
C ASP D 111 24.80 21.63 -11.73
N ILE D 112 24.96 22.75 -11.04
CA ILE D 112 25.46 22.79 -9.67
C ILE D 112 24.32 23.34 -8.83
N LYS D 113 23.60 22.45 -8.15
CA LYS D 113 22.43 22.88 -7.38
C LYS D 113 22.82 23.86 -6.28
N GLY D 114 23.93 23.61 -5.59
CA GLY D 114 24.35 24.51 -4.54
C GLY D 114 24.68 25.90 -5.05
N LEU D 115 25.46 25.97 -6.14
CA LEU D 115 25.84 27.27 -6.67
C LEU D 115 24.63 27.98 -7.27
N LEU D 116 23.77 27.25 -7.95
CA LEU D 116 22.56 27.86 -8.51
C LEU D 116 21.63 28.30 -7.39
N ASP D 117 21.60 27.56 -6.29
CA ASP D 117 20.77 27.92 -5.15
C ASP D 117 21.17 29.26 -4.56
N VAL D 118 22.49 29.48 -4.40
CA VAL D 118 22.96 30.66 -3.70
C VAL D 118 22.81 31.91 -4.56
N THR D 119 23.24 31.84 -5.83
CA THR D 119 23.24 33.03 -6.68
C THR D 119 21.82 33.53 -6.92
N CYS D 120 20.87 32.62 -7.07
CA CYS D 120 19.49 33.03 -7.27
C CYS D 120 18.93 33.73 -6.03
N LYS D 121 19.46 33.40 -4.85
CA LYS D 121 19.01 34.05 -3.62
C LYS D 121 19.31 35.54 -3.66
N THR D 122 20.52 35.93 -4.05
CA THR D 122 20.89 37.33 -4.06
C THR D 122 20.09 38.09 -5.12
N VAL D 123 19.82 37.46 -6.26
CA VAL D 123 18.97 38.07 -7.27
C VAL D 123 17.57 38.31 -6.70
N ALA D 124 17.03 37.32 -5.99
CA ALA D 124 15.75 37.51 -5.32
C ALA D 124 15.83 38.59 -4.26
N ASN D 125 16.92 38.61 -3.48
CA ASN D 125 17.10 39.68 -2.49
C ASN D 125 17.21 41.04 -3.15
N MET D 126 17.94 41.13 -4.28
CA MET D 126 17.96 42.38 -5.03
C MET D 126 16.60 42.69 -5.62
N ILE D 127 15.83 41.66 -5.97
CA ILE D 127 14.45 41.86 -6.44
C ILE D 127 13.57 42.34 -5.29
N LYS D 128 13.74 41.78 -4.10
CA LYS D 128 12.89 42.11 -2.97
C LYS D 128 13.04 43.56 -2.56
N GLY D 129 12.00 44.12 -1.96
CA GLY D 129 12.01 45.50 -1.50
C GLY D 129 12.05 46.52 -2.62
N LYS D 130 11.41 46.24 -3.75
CA LYS D 130 11.33 47.17 -4.86
C LYS D 130 9.92 47.12 -5.42
N THR D 131 9.59 48.10 -6.27
CA THR D 131 8.32 48.09 -6.97
C THR D 131 8.50 47.52 -8.37
N PRO D 132 7.46 46.88 -8.93
CA PRO D 132 7.58 46.27 -10.25
C PRO D 132 8.26 47.14 -11.30
N GLU D 133 7.79 48.38 -11.45
CA GLU D 133 8.27 49.26 -12.52
C GLU D 133 9.75 49.61 -12.36
N GLU D 134 10.16 49.98 -11.16
CA GLU D 134 11.51 50.45 -10.91
C GLU D 134 12.56 49.39 -11.19
N ILE D 135 12.16 48.11 -11.14
CA ILE D 135 13.08 46.99 -11.30
C ILE D 135 13.74 47.04 -12.68
N ARG D 136 13.06 47.63 -13.65
CA ARG D 136 13.57 47.68 -15.01
C ARG D 136 14.84 48.52 -15.10
N LYS D 137 14.88 49.62 -14.37
CA LYS D 137 16.06 50.50 -14.41
C LYS D 137 17.32 49.84 -13.86
N THR D 138 17.25 48.60 -13.36
CA THR D 138 18.41 47.88 -12.88
C THR D 138 18.66 46.59 -13.66
N PHE D 139 17.74 46.21 -14.55
CA PHE D 139 17.92 44.98 -15.32
C PHE D 139 17.61 45.22 -16.80
N ASN D 140 16.99 46.37 -17.10
CA ASN D 140 16.64 46.75 -18.47
C ASN D 140 15.79 45.69 -19.16
N ILE D 141 14.59 45.44 -18.64
CA ILE D 141 13.66 44.51 -19.28
C ILE D 141 12.78 45.30 -20.23
N LYS D 142 12.20 44.62 -21.22
CA LYS D 142 11.31 45.28 -22.18
C LYS D 142 10.02 45.68 -21.48
N ASN D 143 9.13 46.37 -22.21
CA ASN D 143 7.92 46.91 -21.59
C ASN D 143 6.69 46.75 -22.45
N ASP D 144 6.05 45.61 -22.21
CA ASP D 144 5.06 45.26 -23.19
C ASP D 144 3.73 44.68 -23.03
N PHE D 145 3.23 44.22 -24.17
CA PHE D 145 1.93 43.61 -24.26
C PHE D 145 0.75 44.50 -23.90
N THR D 146 -0.25 44.51 -24.77
CA THR D 146 -1.41 45.37 -24.59
C THR D 146 -1.49 45.95 -23.23
N GLU D 147 -1.21 47.24 -23.10
CA GLU D 147 -1.39 47.87 -21.83
C GLU D 147 -2.60 47.24 -21.22
N GLU D 148 -3.65 47.13 -22.01
CA GLU D 148 -4.88 46.56 -21.49
C GLU D 148 -4.67 45.29 -20.70
N GLU D 149 -4.01 44.30 -21.27
CA GLU D 149 -3.92 43.07 -20.51
C GLU D 149 -3.38 43.47 -19.20
N GLU D 150 -2.18 44.01 -19.20
CA GLU D 150 -1.66 44.47 -17.95
C GLU D 150 -2.78 45.07 -17.22
N ALA D 151 -3.31 46.09 -17.79
CA ALA D 151 -4.33 46.78 -17.11
C ALA D 151 -5.41 45.83 -16.62
N GLN D 152 -5.66 44.71 -17.28
CA GLN D 152 -6.65 43.76 -16.75
C GLN D 152 -5.99 42.48 -16.38
N VAL D 153 -4.69 42.57 -16.10
CA VAL D 153 -3.94 41.42 -15.66
C VAL D 153 -3.38 41.75 -14.34
N GLY D 154 -2.51 42.73 -14.32
CA GLY D 154 -1.91 43.13 -13.08
C GLY D 154 -3.01 43.85 -12.39
N SER D 155 -4.10 43.17 -12.18
CA SER D 155 -5.24 43.79 -11.59
C SER D 155 -5.99 42.70 -10.92
N THR D 156 -5.29 41.62 -10.62
CA THR D 156 -5.90 40.51 -9.97
C THR D 156 -5.09 40.16 -8.72
N GLN D 157 -4.65 41.16 -7.96
CA GLN D 157 -3.79 40.84 -6.84
C GLN D 157 -3.61 41.85 -5.68
N PHE D 158 -2.37 42.21 -5.44
CA PHE D 158 -2.10 43.09 -4.34
C PHE D 158 -2.81 42.28 -3.36
N CYS D 159 -3.83 42.89 -2.80
CA CYS D 159 -4.55 42.18 -1.86
C CYS D 159 -3.48 41.53 -1.06
N LEU D 160 -3.66 40.27 -0.73
CA LEU D 160 -2.71 39.67 0.12
C LEU D 160 -2.73 38.18 0.16
N LYS E 1 19.55 34.98 -29.98
CA LYS E 1 19.58 33.83 -30.87
C LYS E 1 20.87 33.04 -30.68
N GLN E 2 21.76 33.13 -31.67
CA GLN E 2 23.09 32.54 -31.67
C GLN E 2 23.06 31.02 -31.76
N ILE E 3 21.87 30.41 -31.89
CA ILE E 3 21.77 28.95 -31.88
C ILE E 3 21.41 28.41 -33.26
N GLY E 4 20.25 28.80 -33.76
CA GLY E 4 19.68 28.16 -34.93
C GLY E 4 18.89 26.92 -34.54
N LEU E 5 18.31 26.27 -35.54
CA LEU E 5 17.50 25.09 -35.29
C LEU E 5 17.75 23.94 -36.27
N ASP E 6 18.38 24.20 -37.42
CA ASP E 6 18.56 23.16 -38.42
C ASP E 6 20.02 22.80 -38.66
N GLN E 7 20.95 23.66 -38.24
CA GLN E 7 22.37 23.31 -38.27
C GLN E 7 22.69 22.19 -37.29
N ILE E 8 21.90 22.05 -36.25
CA ILE E 8 22.14 21.08 -35.19
C ILE E 8 21.87 19.65 -35.65
N TRP E 9 20.79 19.43 -36.40
CA TRP E 9 20.47 18.07 -36.82
C TRP E 9 21.23 17.73 -38.10
N ASP E 10 22.52 18.06 -38.11
CA ASP E 10 23.43 17.61 -39.15
C ASP E 10 24.77 17.18 -38.57
N ASP E 11 25.06 17.57 -37.34
CA ASP E 11 26.19 17.03 -36.59
C ASP E 11 25.78 16.30 -35.33
N LEU E 12 24.60 16.58 -34.76
CA LEU E 12 24.09 15.74 -33.69
C LEU E 12 23.88 14.31 -34.16
N ARG E 13 23.32 14.13 -35.36
CA ARG E 13 23.21 12.80 -35.94
C ARG E 13 24.53 12.44 -36.60
N ALA E 14 25.63 12.64 -35.88
CA ALA E 14 26.92 12.08 -36.25
C ALA E 14 27.62 11.51 -35.02
N GLY E 15 27.08 11.79 -33.83
CA GLY E 15 27.56 11.18 -32.60
C GLY E 15 26.43 10.49 -31.88
N ILE E 16 25.19 10.93 -32.15
CA ILE E 16 24.01 10.31 -31.57
C ILE E 16 23.84 8.97 -32.30
N GLN E 17 24.39 8.91 -33.52
CA GLN E 17 24.49 7.63 -34.22
C GLN E 17 25.87 7.02 -34.04
N GLN E 18 26.78 7.68 -33.33
CA GLN E 18 28.09 7.11 -33.04
C GLN E 18 28.21 6.66 -31.59
N VAL E 19 27.37 7.18 -30.69
CA VAL E 19 27.22 6.62 -29.35
C VAL E 19 26.61 5.23 -29.41
N TYR E 20 25.63 5.03 -30.29
CA TYR E 20 25.22 3.69 -30.67
C TYR E 20 26.31 3.07 -31.53
N THR E 21 26.37 1.74 -31.54
CA THR E 21 27.53 1.03 -32.07
C THR E 21 28.76 1.51 -31.31
N ARG E 22 28.82 1.18 -30.02
CA ARG E 22 29.77 1.78 -29.09
C ARG E 22 31.19 1.72 -29.65
N GLN E 23 31.81 2.88 -29.81
CA GLN E 23 33.16 2.95 -30.39
C GLN E 23 34.05 3.93 -29.62
N SER E 24 34.08 3.81 -28.30
CA SER E 24 34.95 4.62 -27.45
C SER E 24 34.70 6.11 -27.65
N MET E 25 33.49 6.56 -27.34
CA MET E 25 33.15 7.98 -27.40
C MET E 25 34.07 8.78 -26.49
N ALA E 26 34.89 9.67 -27.07
CA ALA E 26 35.80 10.48 -26.28
C ALA E 26 35.03 11.55 -25.53
N LYS E 27 35.49 11.87 -24.31
CA LYS E 27 34.87 12.92 -23.51
C LYS E 27 35.05 14.28 -24.18
N SER E 28 36.04 14.39 -25.07
CA SER E 28 36.26 15.64 -25.78
C SER E 28 35.07 16.03 -26.65
N ARG E 29 34.31 15.06 -27.14
CA ARG E 29 33.14 15.33 -27.97
C ARG E 29 31.82 15.20 -27.21
N TYR E 30 31.80 14.49 -26.08
CA TYR E 30 30.56 14.37 -25.31
C TYR E 30 30.01 15.73 -24.93
N MET E 31 30.86 16.63 -24.46
CA MET E 31 30.41 17.97 -24.12
C MET E 31 30.08 18.81 -25.34
N GLU E 32 30.54 18.40 -26.53
CA GLU E 32 30.12 19.04 -27.77
C GLU E 32 28.72 18.61 -28.15
N LEU E 33 28.33 17.40 -27.77
CA LEU E 33 26.99 16.90 -28.06
C LEU E 33 26.01 17.41 -27.01
N TYR E 34 26.53 17.92 -25.90
CA TYR E 34 25.73 18.60 -24.90
C TYR E 34 25.56 20.07 -25.24
N THR E 35 26.66 20.77 -25.56
CA THR E 35 26.60 22.19 -25.88
C THR E 35 25.59 22.45 -26.99
N HIS E 36 25.47 21.52 -27.93
CA HIS E 36 24.45 21.66 -28.97
C HIS E 36 23.04 21.57 -28.37
N VAL E 37 22.75 20.47 -27.67
CA VAL E 37 21.41 20.20 -27.18
C VAL E 37 21.01 21.24 -26.15
N TYR E 38 21.98 21.68 -25.34
CA TYR E 38 21.77 22.78 -24.41
C TYR E 38 21.39 24.06 -25.13
N ASN E 39 22.19 24.48 -26.12
CA ASN E 39 21.87 25.69 -26.87
C ASN E 39 20.52 25.56 -27.58
N TYR E 40 20.24 24.36 -28.09
CA TYR E 40 18.97 24.07 -28.76
C TYR E 40 17.80 24.38 -27.83
N CYS E 41 17.99 24.20 -26.53
CA CYS E 41 16.89 24.34 -25.57
C CYS E 41 16.93 25.66 -24.81
N THR E 42 17.89 26.54 -25.08
CA THR E 42 17.93 27.85 -24.41
C THR E 42 18.07 28.95 -25.47
N SER E 43 16.93 29.38 -26.00
CA SER E 43 16.89 30.46 -26.98
C SER E 43 15.44 30.86 -27.25
N VAL E 44 15.24 31.92 -28.04
CA VAL E 44 13.91 32.30 -28.48
C VAL E 44 14.00 32.67 -29.95
N HIS E 45 13.46 31.81 -30.82
CA HIS E 45 13.50 32.02 -32.26
C HIS E 45 12.58 31.03 -32.98
N GLN E 70 12.88 29.43 -29.31
CA GLN E 70 11.81 29.12 -28.37
C GLN E 70 11.72 27.61 -28.21
N PHE E 71 12.86 27.01 -27.83
CA PHE E 71 13.08 25.57 -27.73
C PHE E 71 12.51 24.84 -28.94
N VAL E 72 12.42 25.56 -30.07
CA VAL E 72 11.81 25.12 -31.32
C VAL E 72 10.69 24.11 -31.06
N GLY E 73 9.71 24.49 -30.25
CA GLY E 73 8.59 23.64 -29.94
C GLY E 73 8.99 22.33 -29.25
N LEU E 74 8.70 21.21 -29.92
CA LEU E 74 8.96 19.90 -29.36
C LEU E 74 9.63 18.99 -30.39
N GLU E 75 10.15 19.59 -31.46
CA GLU E 75 10.64 18.83 -32.60
C GLU E 75 11.77 17.88 -32.22
N LEU E 76 12.69 18.33 -31.37
CA LEU E 76 13.83 17.48 -30.98
C LEU E 76 13.36 16.17 -30.38
N TYR E 77 12.27 16.19 -29.62
CA TYR E 77 11.70 14.96 -29.08
C TYR E 77 11.27 14.04 -30.20
N LYS E 78 10.58 14.60 -31.20
CA LYS E 78 10.10 13.82 -32.33
C LYS E 78 11.26 13.28 -33.17
N ARG E 79 12.27 14.10 -33.41
CA ARG E 79 13.41 13.67 -34.21
C ARG E 79 14.23 12.61 -33.47
N LEU E 80 14.16 12.61 -32.14
CA LEU E 80 14.83 11.59 -31.34
C LEU E 80 13.99 10.34 -31.18
N LYS E 81 12.75 10.35 -31.65
CA LYS E 81 11.93 9.16 -31.72
C LYS E 81 12.08 8.41 -33.04
N GLU E 82 12.39 9.13 -34.13
CA GLU E 82 12.56 8.51 -35.43
C GLU E 82 13.89 7.76 -35.53
N PHE E 83 14.97 8.34 -35.01
CA PHE E 83 16.27 7.68 -35.08
C PHE E 83 16.27 6.40 -34.27
N LEU E 84 15.66 6.42 -33.09
CA LEU E 84 15.55 5.21 -32.28
C LEU E 84 14.72 4.15 -32.98
N LYS E 85 13.65 4.57 -33.65
CA LYS E 85 12.78 3.63 -34.34
C LYS E 85 13.38 3.23 -35.68
N ASN E 86 14.57 3.73 -35.99
CA ASN E 86 15.28 3.34 -37.20
C ASN E 86 16.44 2.42 -36.84
N TYR E 87 17.01 2.60 -35.65
CA TYR E 87 18.00 1.65 -35.18
C TYR E 87 17.38 0.43 -34.56
N LEU E 88 16.06 0.43 -34.38
CA LEU E 88 15.34 -0.70 -33.82
C LEU E 88 14.48 -1.42 -34.86
N THR E 89 14.39 -0.89 -36.07
CA THR E 89 13.67 -1.53 -37.16
C THR E 89 14.60 -2.02 -38.25
N ASN E 90 15.64 -1.25 -38.59
CA ASN E 90 16.64 -1.70 -39.53
C ASN E 90 17.45 -2.83 -38.89
N LEU E 91 17.35 -2.95 -37.57
CA LEU E 91 18.06 -3.99 -36.84
C LEU E 91 17.23 -5.24 -36.63
N LEU E 92 15.91 -5.13 -36.62
CA LEU E 92 15.04 -6.30 -36.54
C LEU E 92 15.22 -7.18 -37.76
N LYS E 93 15.61 -6.58 -38.89
CA LYS E 93 15.79 -7.30 -40.15
C LYS E 93 16.78 -8.45 -39.97
N ASP E 94 17.86 -8.20 -39.25
CA ASP E 94 18.83 -9.23 -38.90
C ASP E 94 18.43 -9.78 -37.53
N GLY E 95 17.89 -11.00 -37.53
CA GLY E 95 17.50 -11.62 -36.27
C GLY E 95 16.14 -12.29 -36.32
N GLU E 96 15.24 -11.81 -37.18
CA GLU E 96 13.88 -12.33 -37.21
C GLU E 96 13.75 -13.47 -38.23
N ASP E 97 14.87 -14.13 -38.50
CA ASP E 97 14.90 -15.29 -39.38
C ASP E 97 15.73 -16.38 -38.73
N LEU E 98 15.91 -16.27 -37.42
CA LEU E 98 16.88 -17.06 -36.67
C LEU E 98 16.15 -17.99 -35.73
N MET E 99 16.67 -19.21 -35.57
CA MET E 99 16.07 -20.23 -34.73
C MET E 99 16.72 -20.15 -33.35
N ASP E 100 16.47 -21.15 -32.49
CA ASP E 100 16.97 -21.17 -31.12
C ASP E 100 18.49 -21.06 -31.04
N GLU E 101 19.00 -20.71 -29.86
CA GLU E 101 20.44 -20.61 -29.59
C GLU E 101 21.12 -19.57 -30.47
N SER E 102 20.33 -18.78 -31.20
CA SER E 102 20.87 -17.69 -32.00
C SER E 102 20.12 -16.40 -31.69
N VAL E 103 18.81 -16.52 -31.45
CA VAL E 103 18.02 -15.39 -31.00
C VAL E 103 18.26 -15.22 -29.50
N LEU E 104 18.93 -16.21 -28.90
CA LEU E 104 19.32 -16.12 -27.50
C LEU E 104 20.76 -15.66 -27.36
N LYS E 105 21.42 -15.37 -28.48
CA LYS E 105 22.73 -14.73 -28.46
C LYS E 105 22.63 -13.44 -29.26
N PHE E 106 21.41 -12.93 -29.40
CA PHE E 106 21.13 -11.70 -30.13
C PHE E 106 20.36 -10.73 -29.23
N TYR E 107 19.57 -11.28 -28.31
CA TYR E 107 18.82 -10.46 -27.38
C TYR E 107 19.47 -10.53 -26.00
N THR E 108 20.77 -10.82 -25.97
CA THR E 108 21.53 -10.71 -24.74
C THR E 108 22.79 -9.91 -24.99
N GLN E 109 23.18 -9.81 -26.26
CA GLN E 109 24.34 -9.02 -26.67
C GLN E 109 23.89 -7.63 -27.12
N GLN E 110 22.89 -7.55 -28.00
CA GLN E 110 22.37 -6.26 -28.41
C GLN E 110 21.20 -5.85 -27.51
N TRP E 111 21.42 -5.99 -26.20
CA TRP E 111 20.57 -5.42 -25.17
C TRP E 111 21.48 -4.65 -24.24
N GLU E 112 22.70 -5.14 -24.08
CA GLU E 112 23.75 -4.43 -23.36
C GLU E 112 24.36 -3.36 -24.23
N ASP E 113 24.08 -3.42 -25.54
CA ASP E 113 24.51 -2.39 -26.48
C ASP E 113 23.37 -1.44 -26.78
N TYR E 114 22.29 -1.54 -26.00
CA TYR E 114 21.23 -0.54 -26.08
C TYR E 114 20.89 0.00 -24.69
N ARG E 115 21.02 -0.80 -23.64
CA ARG E 115 20.91 -0.30 -22.28
C ARG E 115 22.07 0.60 -21.91
N PHE E 116 23.30 0.17 -22.21
CA PHE E 116 24.47 1.02 -22.03
C PHE E 116 24.45 2.19 -23.00
N SER E 117 24.19 1.92 -24.27
CA SER E 117 24.27 2.95 -25.29
C SER E 117 23.23 4.04 -25.07
N SER E 118 21.99 3.66 -24.81
CA SER E 118 20.98 4.65 -24.47
C SER E 118 20.94 4.93 -22.97
N LYS E 119 22.11 5.18 -22.39
CA LYS E 119 22.23 5.76 -21.05
C LYS E 119 23.22 6.90 -21.09
N VAL E 120 23.95 7.03 -22.20
CA VAL E 120 24.75 8.21 -22.51
C VAL E 120 23.79 9.21 -23.15
N LEU E 121 22.72 8.68 -23.75
CA LEU E 121 21.65 9.48 -24.32
C LEU E 121 20.74 10.05 -23.24
N ASN E 122 21.17 9.90 -21.99
CA ASN E 122 20.38 10.32 -20.83
C ASN E 122 21.23 11.28 -20.01
N GLY E 123 21.71 12.33 -20.65
CA GLY E 123 22.76 13.16 -20.09
C GLY E 123 23.62 13.76 -21.18
N ILE E 124 23.32 13.43 -22.43
CA ILE E 124 23.71 14.28 -23.56
C ILE E 124 22.56 15.24 -23.78
N CYS E 125 21.34 14.71 -23.80
CA CYS E 125 20.14 15.54 -23.83
C CYS E 125 19.63 15.78 -22.42
N ALA E 126 20.52 16.23 -21.52
CA ALA E 126 20.13 16.45 -20.14
C ALA E 126 19.17 17.64 -20.01
N TYR E 127 19.46 18.72 -20.73
CA TYR E 127 18.65 19.93 -20.62
C TYR E 127 17.26 19.71 -21.19
N LEU E 128 17.11 18.70 -22.04
CA LEU E 128 15.80 18.27 -22.51
C LEU E 128 15.23 17.14 -21.66
N ASN E 129 15.92 16.77 -20.58
CA ASN E 129 15.43 15.76 -19.65
C ASN E 129 15.05 16.34 -18.30
N ARG E 130 15.38 17.59 -18.03
CA ARG E 130 15.13 18.25 -16.75
C ARG E 130 13.96 19.23 -16.81
N HIS E 131 13.96 20.13 -17.78
CA HIS E 131 13.03 21.25 -17.79
C HIS E 131 11.86 20.97 -18.73
N TRP E 132 12.14 20.73 -20.01
CA TRP E 132 11.09 20.34 -20.94
C TRP E 132 11.10 18.82 -21.04
N VAL E 133 10.15 18.21 -20.33
CA VAL E 133 9.78 16.80 -20.14
C VAL E 133 9.21 16.75 -18.73
N ARG E 134 9.55 17.77 -17.94
CA ARG E 134 8.94 17.99 -16.63
C ARG E 134 8.03 19.20 -16.67
N ARG E 135 8.18 20.06 -17.68
CA ARG E 135 7.23 21.14 -17.93
C ARG E 135 6.32 20.89 -19.12
N GLU E 136 6.79 20.18 -20.16
CA GLU E 136 5.89 19.69 -21.19
C GLU E 136 4.98 18.60 -20.71
N CYS E 137 5.36 17.91 -19.63
CA CYS E 137 4.46 17.07 -18.86
C CYS E 137 4.11 17.81 -17.58
N ASP E 138 3.24 17.22 -16.76
CA ASP E 138 2.71 17.89 -15.58
C ASP E 138 2.14 19.20 -16.10
N GLU E 139 1.14 19.08 -16.97
CA GLU E 139 0.49 20.23 -17.61
C GLU E 139 -0.64 19.74 -18.51
N GLY E 140 -0.43 19.77 -19.83
CA GLY E 140 -1.51 19.59 -20.79
C GLY E 140 -1.39 18.32 -21.64
N ARG E 141 -0.42 17.41 -21.56
CA ARG E 141 -0.42 16.30 -22.52
C ARG E 141 0.27 15.04 -21.99
N LYS E 142 0.16 13.96 -22.76
CA LYS E 142 0.81 12.69 -22.47
C LYS E 142 1.81 12.38 -23.58
N GLY E 143 2.38 11.19 -23.57
CA GLY E 143 3.38 10.83 -24.55
C GLY E 143 4.66 11.64 -24.38
N ILE E 144 4.97 11.97 -23.13
CA ILE E 144 6.21 12.67 -22.79
C ILE E 144 6.94 11.84 -21.75
N TYR E 145 8.19 11.48 -22.05
CA TYR E 145 8.94 10.62 -21.16
C TYR E 145 10.38 11.09 -21.12
N GLU E 146 11.08 10.77 -20.04
CA GLU E 146 12.53 10.92 -20.03
C GLU E 146 13.12 10.09 -21.14
N ILE E 147 14.16 10.62 -21.79
CA ILE E 147 14.67 10.04 -23.04
C ILE E 147 15.15 8.62 -22.79
N TYR E 148 15.70 8.34 -21.61
CA TYR E 148 16.05 6.97 -21.25
C TYR E 148 14.79 6.10 -21.18
N SER E 149 13.76 6.60 -20.48
CA SER E 149 12.52 5.83 -20.36
C SER E 149 11.78 5.85 -21.68
N LEU E 150 12.17 6.73 -22.59
CA LEU E 150 11.64 6.72 -23.95
C LEU E 150 12.30 5.63 -24.77
N ALA E 151 13.56 5.33 -24.50
CA ALA E 151 14.27 4.25 -25.17
C ALA E 151 13.63 2.91 -24.84
N LEU E 152 13.34 2.65 -23.56
CA LEU E 152 12.66 1.43 -23.20
C LEU E 152 11.15 1.66 -23.15
N VAL E 153 10.62 2.33 -24.17
CA VAL E 153 9.20 2.32 -24.47
C VAL E 153 9.11 2.10 -25.97
N THR E 154 10.19 2.44 -26.68
CA THR E 154 10.31 2.14 -28.10
C THR E 154 11.12 0.88 -28.31
N TRP E 155 11.70 0.34 -27.22
CA TRP E 155 12.25 -1.00 -27.24
C TRP E 155 11.16 -2.06 -27.35
N ARG E 156 9.91 -1.70 -27.08
CA ARG E 156 8.80 -2.58 -27.39
C ARG E 156 8.41 -2.36 -28.86
N ASP E 157 9.43 -2.35 -29.72
CA ASP E 157 9.25 -2.52 -31.15
C ASP E 157 10.15 -3.64 -31.65
N CYS E 158 10.92 -4.24 -30.75
CA CYS E 158 11.74 -5.40 -31.04
C CYS E 158 11.34 -6.51 -30.08
N LEU E 159 10.50 -6.19 -29.10
CA LEU E 159 9.96 -7.17 -28.16
C LEU E 159 8.56 -7.64 -28.51
N PHE E 160 7.63 -6.71 -28.82
CA PHE E 160 6.34 -7.15 -29.34
C PHE E 160 6.47 -7.40 -30.84
N ARG E 161 7.55 -8.09 -31.20
CA ARG E 161 8.11 -8.55 -32.45
C ARG E 161 9.16 -9.55 -31.99
N PRO E 162 9.46 -10.61 -32.76
CA PRO E 162 9.93 -11.88 -32.16
C PRO E 162 9.99 -11.96 -30.65
N LEU E 163 11.05 -12.57 -30.13
CA LEU E 163 11.31 -12.62 -28.69
C LEU E 163 10.13 -13.18 -27.90
N ASN E 164 9.08 -12.37 -27.74
CA ASN E 164 7.93 -12.72 -26.91
C ASN E 164 7.35 -14.07 -27.31
N LYS E 165 7.68 -14.54 -28.51
CA LYS E 165 7.32 -15.89 -28.93
C LYS E 165 8.57 -16.67 -29.28
N GLN E 166 9.69 -15.99 -29.51
CA GLN E 166 10.85 -16.66 -30.08
C GLN E 166 11.99 -16.88 -29.09
N VAL E 167 12.04 -16.19 -27.96
CA VAL E 167 12.97 -16.54 -26.88
C VAL E 167 12.25 -17.25 -25.75
N THR E 168 11.03 -16.81 -25.42
CA THR E 168 10.25 -17.50 -24.39
C THR E 168 10.07 -18.98 -24.76
N ASN E 169 9.87 -19.27 -26.04
CA ASN E 169 9.88 -20.65 -26.50
C ASN E 169 11.28 -21.19 -26.73
N ALA E 170 12.32 -20.36 -26.56
CA ALA E 170 13.70 -20.80 -26.71
C ALA E 170 14.41 -20.90 -25.36
N VAL E 171 14.16 -19.98 -24.44
CA VAL E 171 14.73 -20.07 -23.10
C VAL E 171 14.23 -21.35 -22.44
N LEU E 172 12.95 -21.67 -22.63
CA LEU E 172 12.40 -22.90 -22.06
C LEU E 172 13.15 -24.11 -22.61
N LYS E 173 13.47 -24.11 -23.90
CA LYS E 173 14.25 -25.19 -24.48
C LYS E 173 15.60 -25.31 -23.79
N LEU E 174 16.22 -24.18 -23.45
CA LEU E 174 17.47 -24.22 -22.71
C LEU E 174 17.23 -24.57 -21.24
N ILE E 175 16.19 -24.03 -20.62
CA ILE E 175 15.94 -24.31 -19.21
C ILE E 175 15.45 -25.74 -19.03
N GLU E 176 14.97 -26.34 -20.12
CA GLU E 176 14.59 -27.75 -20.09
C GLU E 176 15.82 -28.59 -20.41
N LYS E 177 16.90 -28.34 -19.68
CA LYS E 177 18.11 -29.15 -19.73
C LYS E 177 18.47 -29.60 -18.33
N GLU E 178 17.45 -29.62 -17.46
CA GLU E 178 17.60 -30.13 -16.11
C GLU E 178 17.97 -31.61 -16.12
N ARG E 179 17.53 -32.32 -17.16
CA ARG E 179 17.68 -33.77 -17.25
C ARG E 179 19.14 -34.21 -17.15
N ASN E 180 19.93 -33.89 -18.17
CA ASN E 180 21.35 -34.24 -18.17
C ASN E 180 22.21 -33.03 -18.51
N GLY E 181 21.69 -32.16 -19.39
CA GLY E 181 22.47 -31.07 -19.95
C GLY E 181 23.14 -30.17 -18.94
N GLU E 182 24.46 -30.27 -18.86
CA GLU E 182 25.25 -29.37 -18.02
C GLU E 182 25.67 -28.16 -18.86
N THR E 183 26.36 -27.21 -18.23
CA THR E 183 26.78 -25.97 -18.89
C THR E 183 25.58 -25.29 -19.57
N ILE E 184 24.60 -24.91 -18.75
CA ILE E 184 23.43 -24.21 -19.25
C ILE E 184 23.83 -22.87 -19.86
N ASN E 185 25.00 -22.36 -19.44
CA ASN E 185 25.50 -21.05 -19.85
C ASN E 185 24.50 -19.99 -19.38
N THR E 186 24.28 -19.95 -18.06
CA THR E 186 23.33 -19.09 -17.39
C THR E 186 23.32 -17.66 -17.91
N ARG E 187 24.51 -17.14 -18.25
CA ARG E 187 24.68 -15.74 -18.63
C ARG E 187 23.67 -15.27 -19.67
N LEU E 188 23.46 -16.08 -20.72
CA LEU E 188 22.47 -15.70 -21.74
C LEU E 188 21.07 -15.62 -21.16
N ILE E 189 20.70 -16.59 -20.32
CA ILE E 189 19.36 -16.58 -19.75
C ILE E 189 19.21 -15.45 -18.75
N SER E 190 20.24 -15.18 -17.95
CA SER E 190 20.18 -14.08 -16.98
C SER E 190 19.93 -12.75 -17.68
N GLY E 191 20.49 -12.59 -18.88
CA GLY E 191 20.22 -11.40 -19.65
C GLY E 191 18.77 -11.28 -20.06
N VAL E 192 18.16 -12.41 -20.46
CA VAL E 192 16.79 -12.40 -20.94
C VAL E 192 15.82 -12.06 -19.81
N VAL E 193 15.96 -12.76 -18.68
CA VAL E 193 15.01 -12.57 -17.58
C VAL E 193 15.11 -11.15 -17.02
N GLN E 194 16.35 -10.67 -16.84
CA GLN E 194 16.54 -9.30 -16.38
C GLN E 194 16.04 -8.29 -17.39
N SER E 195 16.04 -8.62 -18.68
CA SER E 195 15.49 -7.72 -19.68
C SER E 195 13.99 -7.55 -19.51
N TYR E 196 13.27 -8.66 -19.33
CA TYR E 196 11.82 -8.57 -19.17
C TYR E 196 11.45 -7.78 -17.92
N VAL E 197 12.18 -8.01 -16.83
CA VAL E 197 11.93 -7.25 -15.61
C VAL E 197 12.20 -5.76 -15.84
N GLU E 198 13.30 -5.46 -16.55
CA GLU E 198 13.65 -4.08 -16.81
C GLU E 198 12.61 -3.41 -17.71
N LEU E 199 12.10 -4.15 -18.69
CA LEU E 199 11.04 -3.66 -19.58
C LEU E 199 9.72 -3.43 -18.87
N GLY E 200 9.69 -3.55 -17.55
CA GLY E 200 8.49 -3.25 -16.79
C GLY E 200 7.87 -1.93 -17.19
N LEU E 201 6.55 -1.91 -17.28
CA LEU E 201 5.82 -0.81 -17.90
C LEU E 201 6.06 0.48 -17.13
N ASN E 202 6.92 1.33 -17.68
CA ASN E 202 7.10 2.68 -17.18
C ASN E 202 6.21 3.68 -17.91
N GLU E 203 5.40 3.20 -18.86
CA GLU E 203 4.50 4.06 -19.63
C GLU E 203 3.51 4.71 -18.67
N ASP E 204 3.44 6.04 -18.71
CA ASP E 204 2.50 6.82 -17.91
C ASP E 204 2.81 6.66 -16.43
N ASP E 205 1.77 6.67 -15.60
CA ASP E 205 1.89 6.67 -14.14
C ASP E 205 2.87 7.77 -13.77
N ALA E 206 3.91 7.49 -13.00
CA ALA E 206 4.96 8.46 -12.71
C ALA E 206 6.29 7.74 -12.53
N PHE E 207 7.32 8.46 -12.09
CA PHE E 207 8.60 7.83 -11.80
C PHE E 207 8.67 7.35 -10.36
N ALA E 208 7.72 6.49 -9.99
CA ALA E 208 7.65 5.97 -8.63
C ALA E 208 8.66 4.83 -8.43
N GLY E 210 5.85 0.50 -6.80
CA GLY E 210 6.75 -0.48 -6.24
C GLY E 210 7.67 -1.11 -7.27
N PRO E 211 7.54 -2.42 -7.46
CA PRO E 211 8.39 -3.11 -8.46
C PRO E 211 7.82 -2.99 -9.86
N THR E 212 8.54 -3.56 -10.84
CA THR E 212 8.12 -3.52 -12.23
C THR E 212 7.90 -4.90 -12.84
N LEU E 213 7.45 -5.88 -12.06
CA LEU E 213 7.29 -7.24 -12.54
C LEU E 213 5.95 -7.44 -13.26
N THR E 214 5.66 -6.58 -14.23
CA THR E 214 4.39 -6.70 -14.94
C THR E 214 4.60 -7.27 -16.35
N VAL E 215 5.80 -7.13 -16.90
CA VAL E 215 6.09 -7.67 -18.22
C VAL E 215 6.91 -8.94 -18.00
N TYR E 216 6.94 -9.41 -16.75
CA TYR E 216 7.63 -10.65 -16.40
C TYR E 216 6.65 -11.80 -16.27
N LYS E 217 5.48 -11.57 -15.67
CA LYS E 217 4.48 -12.61 -15.50
C LYS E 217 3.95 -13.12 -16.84
N GLU E 218 3.65 -12.22 -17.76
CA GLU E 218 2.95 -12.60 -18.98
C GLU E 218 3.90 -13.14 -20.05
N SER E 219 5.21 -13.17 -19.77
CA SER E 219 6.11 -13.65 -20.83
C SER E 219 7.18 -14.61 -20.35
N PHE E 220 7.50 -14.69 -19.07
CA PHE E 220 8.50 -15.67 -18.63
C PHE E 220 8.12 -16.32 -17.30
N GLU E 221 6.92 -16.05 -16.80
CA GLU E 221 6.47 -16.74 -15.60
C GLU E 221 5.27 -17.62 -15.92
N SER E 222 4.26 -17.05 -16.58
CA SER E 222 3.10 -17.83 -16.99
C SER E 222 3.53 -18.91 -17.97
N GLN E 223 4.32 -18.56 -18.98
CA GLN E 223 4.84 -19.56 -19.89
C GLN E 223 6.21 -20.05 -19.45
N PHE E 224 6.36 -20.38 -18.17
CA PHE E 224 7.51 -21.15 -17.69
C PHE E 224 7.00 -22.21 -16.75
N LEU E 225 5.85 -21.93 -16.13
CA LEU E 225 5.29 -22.84 -15.14
C LEU E 225 4.50 -23.96 -15.82
N ALA E 226 3.75 -23.61 -16.87
CA ALA E 226 3.04 -24.60 -17.65
C ALA E 226 4.02 -25.57 -18.30
N ASP E 227 5.22 -25.07 -18.63
CA ASP E 227 6.23 -25.91 -19.25
C ASP E 227 7.18 -26.52 -18.22
N THR E 228 6.93 -26.27 -16.94
CA THR E 228 7.64 -26.98 -15.89
C THR E 228 6.78 -28.03 -15.20
N GLU E 229 5.46 -27.99 -15.41
CA GLU E 229 4.60 -29.09 -14.98
C GLU E 229 4.85 -30.32 -15.84
N ARG E 230 4.94 -30.11 -17.16
CA ARG E 230 5.05 -31.22 -18.09
C ARG E 230 6.34 -32.00 -17.92
N PHE E 231 7.46 -31.29 -17.76
CA PHE E 231 8.75 -31.95 -17.62
C PHE E 231 8.82 -32.78 -16.34
N TYR E 232 7.98 -32.45 -15.37
CA TYR E 232 7.94 -33.20 -14.12
C TYR E 232 6.83 -34.24 -14.08
N THR E 233 5.70 -33.99 -14.74
CA THR E 233 4.74 -35.07 -14.94
C THR E 233 5.05 -35.72 -16.29
N ARG E 234 6.33 -35.99 -16.52
CA ARG E 234 6.79 -36.84 -17.60
C ARG E 234 8.01 -37.59 -17.10
N GLU E 235 8.31 -37.39 -15.82
CA GLU E 235 9.32 -38.12 -15.08
C GLU E 235 8.78 -38.71 -13.78
N SER E 236 7.77 -38.08 -13.19
CA SER E 236 7.13 -38.60 -12.00
C SER E 236 6.43 -39.93 -12.31
N THR E 237 5.44 -39.91 -13.20
CA THR E 237 4.79 -41.16 -13.57
C THR E 237 5.54 -41.81 -14.72
N GLU E 238 6.87 -41.87 -14.61
CA GLU E 238 7.73 -42.67 -15.46
C GLU E 238 8.81 -43.30 -14.61
N PHE E 239 8.94 -42.80 -13.37
CA PHE E 239 9.87 -43.33 -12.38
C PHE E 239 9.20 -44.22 -11.37
N LEU E 240 7.97 -43.90 -10.96
CA LEU E 240 7.16 -44.83 -10.18
C LEU E 240 6.37 -45.78 -11.10
N GLN E 241 7.06 -46.36 -12.08
CA GLN E 241 6.51 -47.41 -12.91
C GLN E 241 7.62 -48.40 -13.22
N GLN E 242 8.84 -48.05 -12.84
CA GLN E 242 10.02 -48.85 -13.18
C GLN E 242 10.90 -49.00 -11.94
N ASN E 243 10.71 -48.12 -10.96
CA ASN E 243 11.47 -48.14 -9.72
C ASN E 243 10.52 -48.17 -8.53
N PRO E 244 10.95 -48.65 -7.37
CA PRO E 244 10.09 -48.61 -6.18
C PRO E 244 9.85 -47.18 -5.74
N VAL E 245 8.99 -47.05 -4.72
CA VAL E 245 8.58 -45.74 -4.24
C VAL E 245 9.72 -45.14 -3.43
N THR E 246 10.72 -45.96 -3.13
CA THR E 246 11.80 -45.54 -2.24
C THR E 246 12.80 -44.66 -2.99
N GLU E 247 12.63 -44.54 -4.30
CA GLU E 247 13.51 -43.68 -5.08
C GLU E 247 12.79 -42.40 -5.48
N TYR E 248 11.47 -42.46 -5.59
CA TYR E 248 10.72 -41.23 -5.74
C TYR E 248 10.77 -40.40 -4.45
N MET E 249 10.93 -41.09 -3.32
CA MET E 249 11.10 -40.43 -2.03
C MET E 249 12.46 -39.76 -1.91
N LYS E 250 13.39 -40.05 -2.82
CA LYS E 250 14.71 -39.47 -2.78
C LYS E 250 15.02 -38.60 -4.00
N LYS E 251 14.33 -38.80 -5.11
CA LYS E 251 14.43 -37.88 -6.24
C LYS E 251 13.68 -36.59 -5.95
N ALA E 252 12.54 -36.72 -5.27
CA ALA E 252 11.71 -35.57 -4.92
C ALA E 252 12.51 -34.53 -4.14
N GLU E 253 13.26 -34.98 -3.13
CA GLU E 253 14.07 -34.06 -2.33
C GLU E 253 15.08 -33.33 -3.20
N ALA E 254 15.73 -34.05 -4.12
CA ALA E 254 16.70 -33.42 -5.00
C ALA E 254 16.03 -32.40 -5.92
N ARG E 255 14.97 -32.80 -6.61
CA ARG E 255 14.32 -31.91 -7.57
C ARG E 255 13.65 -30.73 -6.88
N LEU E 256 13.03 -30.98 -5.73
CA LEU E 256 12.36 -29.90 -4.99
C LEU E 256 13.40 -28.93 -4.45
N LEU E 257 14.62 -29.41 -4.25
CA LEU E 257 15.74 -28.56 -3.84
C LEU E 257 16.44 -27.99 -5.07
N GLU E 258 16.52 -28.75 -6.15
CA GLU E 258 17.12 -28.24 -7.38
C GLU E 258 16.27 -27.11 -7.96
N GLU E 259 14.94 -27.22 -7.85
CA GLU E 259 14.09 -26.10 -8.23
C GLU E 259 13.94 -25.15 -7.04
N GLN E 260 15.06 -24.86 -6.38
CA GLN E 260 15.21 -23.75 -5.46
C GLN E 260 16.61 -23.17 -5.63
N ARG E 261 17.39 -23.78 -6.53
CA ARG E 261 18.70 -23.28 -6.93
C ARG E 261 18.71 -22.95 -8.41
N ARG E 262 17.63 -23.26 -9.13
CA ARG E 262 17.39 -22.76 -10.48
C ARG E 262 16.71 -21.40 -10.39
N VAL E 263 16.52 -20.93 -9.16
CA VAL E 263 16.34 -19.52 -8.88
C VAL E 263 17.71 -19.07 -8.39
N GLN E 264 17.94 -17.76 -8.30
CA GLN E 264 19.24 -17.20 -7.92
C GLN E 264 20.31 -17.54 -8.96
N VAL E 265 19.96 -17.23 -10.22
CA VAL E 265 20.69 -17.31 -11.49
C VAL E 265 19.64 -17.34 -12.59
N TYR E 266 18.37 -17.33 -12.18
CA TYR E 266 17.19 -17.14 -13.02
C TYR E 266 16.18 -16.48 -12.08
N LEU E 267 16.00 -15.17 -12.20
CA LEU E 267 15.89 -14.37 -10.98
C LEU E 267 14.91 -13.20 -11.04
N HIS E 268 15.16 -12.23 -10.17
CA HIS E 268 14.29 -11.13 -9.77
C HIS E 268 13.33 -11.63 -8.70
N GLU E 269 13.46 -12.91 -8.34
CA GLU E 269 12.68 -13.50 -7.27
C GLU E 269 11.19 -13.36 -7.55
N SER E 270 10.38 -13.26 -6.49
CA SER E 270 8.92 -13.21 -6.62
C SER E 270 8.42 -14.46 -7.32
N THR E 271 9.25 -15.50 -7.33
CA THR E 271 8.88 -16.78 -7.90
C THR E 271 9.27 -17.95 -7.00
N GLN E 272 10.12 -17.71 -5.99
CA GLN E 272 10.51 -18.78 -5.07
C GLN E 272 9.30 -19.33 -4.33
N ASP E 273 8.42 -18.45 -3.85
CA ASP E 273 7.28 -18.87 -3.06
C ASP E 273 6.13 -19.29 -3.96
N GLU E 274 6.34 -19.21 -5.28
CA GLU E 274 5.24 -19.57 -6.19
C GLU E 274 5.70 -20.62 -7.20
N LEU E 275 7.00 -20.75 -7.49
CA LEU E 275 7.48 -21.88 -8.28
C LEU E 275 7.55 -23.13 -7.41
N ALA E 276 7.96 -22.96 -6.15
CA ALA E 276 8.09 -24.10 -5.24
C ALA E 276 6.74 -24.77 -5.01
N ARG E 277 5.68 -23.98 -4.83
CA ARG E 277 4.37 -24.59 -4.64
C ARG E 277 3.95 -25.37 -5.88
N LYS E 278 4.02 -24.75 -7.06
CA LYS E 278 3.79 -25.50 -8.29
C LYS E 278 5.03 -26.24 -8.76
N CYS E 279 5.68 -26.88 -7.80
CA CYS E 279 6.61 -27.98 -8.03
C CYS E 279 6.40 -28.98 -6.90
N GLU E 280 5.42 -28.72 -6.04
CA GLU E 280 5.14 -29.48 -4.83
C GLU E 280 3.80 -30.18 -4.88
N GLN E 281 2.85 -29.71 -5.69
CA GLN E 281 1.63 -30.47 -5.93
C GLN E 281 1.74 -31.19 -7.26
N VAL E 282 2.91 -31.10 -7.88
CA VAL E 282 3.18 -31.81 -9.12
C VAL E 282 4.10 -32.99 -8.82
N LEU E 283 4.72 -32.99 -7.64
CA LEU E 283 5.53 -34.12 -7.23
C LEU E 283 4.94 -34.92 -6.08
N ILE E 284 4.77 -34.32 -4.91
CA ILE E 284 4.03 -35.01 -3.84
C ILE E 284 2.94 -34.06 -3.34
N GLU E 285 1.79 -34.03 -4.04
CA GLU E 285 0.52 -33.73 -3.40
C GLU E 285 -0.57 -34.45 -4.19
N LYS E 286 -0.19 -34.97 -5.35
CA LYS E 286 -1.14 -35.58 -6.27
C LYS E 286 -0.75 -37.04 -6.45
N HIS E 287 0.37 -37.42 -5.80
CA HIS E 287 0.71 -38.82 -5.70
C HIS E 287 0.52 -39.32 -4.27
N LEU E 288 -0.31 -38.65 -3.47
CA LEU E 288 -0.58 -39.09 -2.11
C LEU E 288 -1.62 -40.19 -2.13
N GLU E 289 -1.43 -41.18 -3.01
CA GLU E 289 -2.25 -42.37 -3.01
C GLU E 289 -1.39 -43.57 -2.65
N ILE E 290 -0.33 -43.81 -3.42
CA ILE E 290 0.70 -44.73 -2.96
C ILE E 290 1.80 -43.93 -2.26
N PHE E 291 1.51 -43.50 -1.04
CA PHE E 291 2.50 -43.11 -0.06
C PHE E 291 2.08 -43.73 1.26
N HIS E 292 0.76 -43.72 1.48
CA HIS E 292 0.13 -44.31 2.65
C HIS E 292 0.25 -45.83 2.57
N THR E 293 0.06 -46.37 1.37
CA THR E 293 0.22 -47.79 1.13
C THR E 293 1.66 -48.20 1.41
N GLU E 294 2.61 -47.38 0.95
CA GLU E 294 4.02 -47.66 1.22
C GLU E 294 4.38 -47.34 2.65
N PHE E 295 3.65 -46.42 3.28
CA PHE E 295 3.86 -46.09 4.69
C PHE E 295 3.72 -47.32 5.58
N GLN E 296 2.69 -48.12 5.33
CA GLN E 296 2.50 -49.35 6.09
C GLN E 296 3.68 -50.29 5.90
N ASN E 297 4.08 -50.50 4.65
CA ASN E 297 5.24 -51.34 4.35
C ASN E 297 6.50 -50.76 4.97
N LEU E 298 6.61 -49.44 4.99
CA LEU E 298 7.79 -48.78 5.54
C LEU E 298 7.69 -48.67 7.06
N LEU E 299 6.70 -49.32 7.65
CA LEU E 299 6.51 -49.31 9.09
C LEU E 299 6.71 -50.66 9.76
N ASP E 300 6.32 -51.76 9.10
CA ASP E 300 6.63 -53.09 9.61
C ASP E 300 8.13 -53.28 9.67
N ALA E 301 8.83 -52.84 8.63
CA ALA E 301 10.28 -52.85 8.65
C ALA E 301 10.80 -51.82 9.64
N ASP E 302 12.00 -52.07 10.16
CA ASP E 302 12.61 -51.16 11.14
C ASP E 302 13.24 -49.95 10.47
N LYS E 303 12.89 -49.70 9.21
CA LYS E 303 13.45 -48.59 8.45
C LYS E 303 13.20 -47.27 9.16
N ASN E 304 14.25 -46.49 9.38
CA ASN E 304 14.07 -45.26 10.17
C ASN E 304 14.58 -44.01 9.47
N GLU E 305 15.34 -44.13 8.38
CA GLU E 305 15.77 -42.97 7.61
C GLU E 305 14.82 -42.64 6.47
N ASP E 306 14.13 -43.62 5.91
CA ASP E 306 13.16 -43.37 4.87
C ASP E 306 11.98 -42.55 5.37
N LEU E 307 11.52 -42.81 6.59
CA LEU E 307 10.40 -42.04 7.14
C LEU E 307 10.78 -40.58 7.33
N GLY E 308 12.02 -40.30 7.72
CA GLY E 308 12.44 -38.92 7.88
C GLY E 308 12.36 -38.13 6.59
N ARG E 309 12.89 -38.70 5.50
CA ARG E 309 12.74 -38.08 4.19
C ARG E 309 11.28 -38.03 3.78
N MET E 310 10.56 -39.14 4.02
CA MET E 310 9.13 -39.20 3.76
C MET E 310 8.37 -38.17 4.57
N TYR E 311 8.69 -38.04 5.86
CA TYR E 311 8.00 -37.03 6.66
C TYR E 311 8.32 -35.63 6.15
N ASN E 312 9.56 -35.41 5.73
CA ASN E 312 9.96 -34.09 5.24
C ASN E 312 9.19 -33.71 3.99
N LEU E 313 8.97 -34.66 3.08
CA LEU E 313 8.23 -34.39 1.86
C LEU E 313 6.79 -33.99 2.17
N VAL E 314 6.15 -34.74 3.06
CA VAL E 314 4.76 -34.44 3.42
C VAL E 314 4.68 -33.34 4.47
N SER E 315 5.82 -32.97 5.06
CA SER E 315 5.83 -31.80 5.94
C SER E 315 5.50 -30.53 5.16
N ARG E 316 6.05 -30.41 3.96
CA ARG E 316 5.80 -29.24 3.13
C ARG E 316 4.34 -29.16 2.71
N ILE E 317 3.73 -30.33 2.46
CA ILE E 317 2.34 -30.37 2.02
C ILE E 317 1.40 -30.42 3.22
N GLN E 318 0.36 -29.61 3.18
CA GLN E 318 -0.68 -29.69 4.19
C GLN E 318 -1.81 -30.59 3.70
N ASP E 319 -2.79 -30.82 4.58
CA ASP E 319 -3.92 -31.68 4.24
C ASP E 319 -3.46 -33.07 3.86
N GLY E 320 -2.93 -33.82 4.82
CA GLY E 320 -2.35 -35.12 4.55
C GLY E 320 -1.21 -35.45 5.47
N LEU E 321 -0.74 -34.45 6.22
CA LEU E 321 0.13 -34.71 7.36
C LEU E 321 -0.68 -35.41 8.45
N GLY E 322 -1.98 -35.15 8.48
CA GLY E 322 -2.86 -35.76 9.45
C GLY E 322 -3.52 -37.06 9.00
N GLU E 323 -3.20 -37.51 7.79
CA GLU E 323 -3.68 -38.79 7.31
C GLU E 323 -2.71 -39.92 7.64
N LEU E 324 -1.41 -39.69 7.45
CA LEU E 324 -0.39 -40.63 7.89
C LEU E 324 -0.06 -40.46 9.38
N LYS E 325 -1.10 -40.36 10.19
CA LYS E 325 -1.02 -40.11 11.62
C LYS E 325 -1.91 -41.12 12.35
N LYS E 326 -2.90 -41.64 11.64
CA LYS E 326 -3.80 -42.66 12.15
C LYS E 326 -3.20 -44.04 11.91
N LEU E 327 -2.53 -44.20 10.77
CA LEU E 327 -1.90 -45.47 10.41
C LEU E 327 -0.84 -45.85 11.43
N LEU E 328 0.00 -44.88 11.81
CA LEU E 328 0.98 -45.13 12.87
C LEU E 328 0.27 -45.38 14.20
N GLU E 329 -0.80 -44.64 14.46
CA GLU E 329 -1.60 -44.81 15.67
C GLU E 329 -2.27 -46.19 15.63
N THR E 330 -2.53 -46.70 14.43
CA THR E 330 -3.17 -48.00 14.27
C THR E 330 -2.14 -49.02 13.83
N HIS E 331 -0.88 -48.82 14.21
CA HIS E 331 0.15 -49.84 14.03
C HIS E 331 0.77 -50.29 15.34
N ILE E 332 0.98 -49.39 16.30
CA ILE E 332 1.45 -49.79 17.61
C ILE E 332 0.41 -50.65 18.31
N HIS E 333 -0.87 -50.37 18.05
CA HIS E 333 -1.96 -51.12 18.67
C HIS E 333 -2.00 -52.52 18.10
N ASN E 334 -1.63 -52.67 16.83
CA ASN E 334 -1.52 -53.99 16.22
C ASN E 334 -0.14 -54.55 16.46
N GLN E 335 0.71 -53.77 17.13
CA GLN E 335 2.00 -54.23 17.61
C GLN E 335 2.03 -54.44 19.11
N GLY E 336 1.26 -53.66 19.86
CA GLY E 336 1.18 -53.84 21.30
C GLY E 336 0.54 -55.16 21.69
N LEU E 337 -0.58 -55.50 21.05
CA LEU E 337 -1.19 -56.81 21.33
C LEU E 337 -0.55 -57.87 20.46
N ALA E 338 0.79 -57.88 20.41
CA ALA E 338 1.54 -58.98 19.84
C ALA E 338 2.64 -59.36 20.80
N ALA E 339 3.22 -58.35 21.46
CA ALA E 339 4.27 -58.60 22.44
C ALA E 339 3.70 -59.18 23.73
N ILE E 340 2.57 -58.64 24.19
CA ILE E 340 1.94 -59.13 25.41
C ILE E 340 1.22 -60.42 25.09
N GLU E 341 0.99 -60.67 23.79
CA GLU E 341 0.52 -61.97 23.32
C GLU E 341 1.62 -63.01 23.33
N LYS E 342 2.85 -62.62 22.95
CA LYS E 342 4.00 -63.51 23.07
C LYS E 342 4.47 -63.64 24.51
N CYS E 343 3.94 -62.82 25.43
CA CYS E 343 4.27 -62.96 26.84
C CYS E 343 3.87 -64.34 27.34
N GLY E 344 2.77 -64.88 26.84
CA GLY E 344 2.37 -66.24 27.14
C GLY E 344 1.27 -66.35 28.16
N GLU E 345 1.48 -67.20 29.16
CA GLU E 345 0.47 -67.43 30.19
C GLU E 345 1.04 -67.10 31.57
N ALA E 346 2.36 -67.03 31.67
CA ALA E 346 3.02 -66.71 32.93
C ALA E 346 2.77 -65.28 33.33
N ALA E 347 2.37 -64.43 32.38
CA ALA E 347 2.19 -63.01 32.63
C ALA E 347 1.23 -62.74 33.77
N LEU E 348 0.26 -63.63 33.97
CA LEU E 348 -0.69 -63.48 35.07
C LEU E 348 -0.01 -63.54 36.42
N ASN E 349 0.95 -64.46 36.57
CA ASN E 349 1.63 -64.71 37.84
C ASN E 349 3.12 -64.45 37.67
N ASP E 350 3.44 -63.36 36.96
CA ASP E 350 4.81 -62.89 36.81
C ASP E 350 4.76 -61.38 36.59
N PRO E 351 4.84 -60.58 37.65
CA PRO E 351 4.54 -59.16 37.54
C PRO E 351 5.45 -58.36 36.60
N LYS E 352 6.75 -58.60 36.64
CA LYS E 352 7.71 -57.85 35.84
C LYS E 352 7.40 -57.93 34.35
N MET E 353 7.00 -59.11 33.88
CA MET E 353 6.77 -59.32 32.45
C MET E 353 5.73 -58.38 31.88
N TYR E 354 4.61 -58.18 32.57
CA TYR E 354 3.55 -57.35 32.03
C TYR E 354 3.94 -55.87 32.01
N VAL E 355 5.01 -55.51 32.71
CA VAL E 355 5.45 -54.13 32.76
C VAL E 355 6.60 -53.93 31.77
N GLN E 356 7.57 -54.85 31.78
CA GLN E 356 8.71 -54.74 30.88
C GLN E 356 8.28 -54.82 29.42
N THR E 357 7.29 -55.68 29.15
CA THR E 357 6.86 -55.90 27.76
C THR E 357 6.27 -54.63 27.16
N VAL E 358 5.35 -53.98 27.88
CA VAL E 358 4.69 -52.79 27.38
C VAL E 358 5.70 -51.65 27.30
N LEU E 359 6.62 -51.61 28.26
CA LEU E 359 7.67 -50.61 28.29
C LEU E 359 8.58 -50.69 27.08
N ASP E 360 8.85 -51.90 26.58
CA ASP E 360 9.64 -52.05 25.36
C ASP E 360 8.90 -51.46 24.16
N VAL E 361 7.58 -51.64 24.12
CA VAL E 361 6.76 -51.08 23.05
C VAL E 361 6.86 -49.56 23.09
N HIS E 362 6.75 -48.98 24.28
CA HIS E 362 6.93 -47.54 24.42
C HIS E 362 8.38 -47.18 24.73
N LYS E 363 9.32 -47.78 24.00
CA LYS E 363 10.69 -47.30 23.96
C LYS E 363 11.10 -47.09 22.50
N LYS E 364 10.86 -48.11 21.68
CA LYS E 364 11.26 -48.11 20.28
C LYS E 364 10.43 -47.13 19.46
N TYR E 365 9.11 -47.17 19.64
CA TYR E 365 8.24 -46.28 18.88
C TYR E 365 8.22 -44.89 19.48
N ASN E 366 8.85 -44.72 20.64
CA ASN E 366 9.04 -43.38 21.19
C ASN E 366 10.13 -42.67 20.40
N ALA E 367 11.21 -43.39 20.08
CA ALA E 367 12.30 -42.84 19.27
C ALA E 367 11.80 -42.49 17.88
N LEU E 368 10.85 -43.28 17.37
CA LEU E 368 10.27 -43.03 16.05
C LEU E 368 9.57 -41.68 16.03
N VAL E 369 8.86 -41.35 17.11
CA VAL E 369 8.11 -40.10 17.17
C VAL E 369 9.06 -39.03 17.71
N MET E 370 10.31 -39.41 17.94
CA MET E 370 11.30 -38.46 18.43
C MET E 370 12.31 -38.13 17.35
N SER E 371 12.95 -39.16 16.77
CA SER E 371 13.97 -38.95 15.77
C SER E 371 13.37 -38.72 14.40
N ALA E 372 12.56 -39.66 13.92
CA ALA E 372 12.03 -39.60 12.56
C ALA E 372 11.13 -38.39 12.35
N PHE E 373 10.00 -38.32 13.06
CA PHE E 373 9.04 -37.26 12.79
C PHE E 373 9.25 -36.05 13.69
N ASN E 374 10.49 -35.59 13.78
CA ASN E 374 10.87 -34.30 14.39
C ASN E 374 10.10 -33.94 15.65
N ASN E 375 9.81 -34.92 16.50
CA ASN E 375 9.09 -34.71 17.75
C ASN E 375 7.84 -33.85 17.55
N ASP E 376 7.06 -34.14 16.51
CA ASP E 376 5.84 -33.36 16.26
C ASP E 376 4.88 -33.54 17.42
N ALA E 377 4.29 -32.43 17.87
CA ALA E 377 3.37 -32.43 19.00
C ALA E 377 2.16 -33.31 18.68
N GLY E 378 1.62 -33.18 17.47
CA GLY E 378 0.51 -34.00 17.05
C GLY E 378 0.88 -35.47 16.93
N PHE E 379 2.11 -35.76 16.53
CA PHE E 379 2.53 -37.15 16.36
C PHE E 379 2.77 -37.82 17.71
N VAL E 380 3.02 -37.02 18.75
CA VAL E 380 3.16 -37.56 20.10
C VAL E 380 1.81 -38.16 20.51
N ALA E 381 0.73 -37.55 20.06
CA ALA E 381 -0.61 -38.07 20.34
C ALA E 381 -0.79 -39.48 19.78
N ALA E 382 -0.04 -39.81 18.72
CA ALA E 382 -0.05 -41.19 18.23
C ALA E 382 0.63 -42.12 19.21
N LEU E 383 1.81 -41.74 19.69
CA LEU E 383 2.46 -42.50 20.75
C LEU E 383 1.66 -42.46 22.04
N ASP E 384 0.75 -41.49 22.16
CA ASP E 384 -0.21 -41.35 23.24
C ASP E 384 -1.38 -42.29 23.00
N LYS E 385 -2.58 -41.90 23.46
CA LYS E 385 -3.74 -42.75 23.72
C LYS E 385 -3.82 -44.05 22.92
N ALA E 386 -3.30 -44.07 21.69
CA ALA E 386 -3.15 -45.35 21.00
C ALA E 386 -2.41 -46.34 21.90
N CYS E 387 -1.45 -45.84 22.68
CA CYS E 387 -0.81 -46.65 23.72
C CYS E 387 -1.79 -46.93 24.85
N GLY E 388 -2.72 -46.02 25.10
CA GLY E 388 -3.74 -46.23 26.11
C GLY E 388 -4.68 -47.36 25.77
N ARG E 389 -4.95 -47.56 24.48
CA ARG E 389 -5.95 -48.52 24.04
C ARG E 389 -5.39 -49.94 23.94
N PHE E 390 -4.12 -50.13 24.31
CA PHE E 390 -3.62 -51.48 24.54
C PHE E 390 -3.07 -51.64 25.95
N ILE E 391 -3.46 -50.77 26.89
CA ILE E 391 -3.14 -50.93 28.30
C ILE E 391 -4.40 -51.04 29.14
N ASN E 392 -5.54 -50.58 28.63
CA ASN E 392 -6.80 -50.64 29.36
C ASN E 392 -7.56 -51.92 29.07
N ASN E 393 -7.90 -52.15 27.80
CA ASN E 393 -8.71 -53.30 27.40
C ASN E 393 -7.89 -54.35 26.65
N ASN E 394 -6.60 -54.42 26.95
CA ASN E 394 -5.68 -55.28 26.22
C ASN E 394 -5.87 -56.75 26.57
N ALA E 395 -4.97 -57.60 26.07
CA ALA E 395 -4.99 -59.03 26.40
C ALA E 395 -4.55 -59.23 27.85
N VAL E 396 -4.44 -60.49 28.28
CA VAL E 396 -4.12 -60.84 29.65
C VAL E 396 -5.22 -60.32 30.58
N THR E 397 -5.49 -59.02 30.53
CA THR E 397 -6.59 -58.45 31.28
C THR E 397 -7.92 -59.05 30.82
N LYS E 398 -8.09 -59.24 29.52
CA LYS E 398 -9.30 -59.86 28.99
C LYS E 398 -9.38 -61.33 29.42
N MET E 399 -8.26 -62.04 29.34
CA MET E 399 -8.21 -63.47 29.63
C MET E 399 -8.67 -63.75 31.05
N ALA E 400 -8.09 -63.07 32.03
CA ALA E 400 -8.65 -63.02 33.38
C ALA E 400 -9.44 -61.74 33.54
N GLN E 401 -10.72 -61.81 33.12
CA GLN E 401 -11.46 -60.62 32.74
C GLN E 401 -11.52 -59.58 33.86
N SER E 402 -10.75 -58.51 33.70
CA SER E 402 -10.78 -57.35 34.57
C SER E 402 -10.04 -56.20 33.91
N SER E 403 -10.75 -55.10 33.59
CA SER E 403 -10.06 -53.91 33.13
C SER E 403 -9.22 -53.36 34.27
N SER E 404 -9.64 -53.63 35.50
CA SER E 404 -8.96 -53.17 36.70
C SER E 404 -7.69 -53.96 36.97
N LYS E 405 -7.51 -55.08 36.26
CA LYS E 405 -6.36 -55.95 36.48
C LYS E 405 -5.05 -55.28 36.10
N SER E 406 -5.06 -54.48 35.04
CA SER E 406 -3.83 -53.88 34.51
C SER E 406 -3.11 -53.04 35.55
N PRO E 407 -3.80 -52.17 36.33
CA PRO E 407 -3.09 -51.47 37.42
C PRO E 407 -2.45 -52.42 38.43
N GLU E 408 -3.13 -53.53 38.72
CA GLU E 408 -2.65 -54.43 39.77
C GLU E 408 -1.28 -55.01 39.44
N LEU E 409 -1.09 -55.44 38.20
CA LEU E 409 0.20 -55.99 37.78
C LEU E 409 1.28 -54.91 37.87
N LEU E 410 0.94 -53.69 37.47
CA LEU E 410 1.82 -52.54 37.67
C LEU E 410 2.02 -52.30 39.17
N ALA E 411 0.94 -52.37 39.93
CA ALA E 411 1.01 -52.11 41.36
C ALA E 411 1.96 -53.09 42.04
N ARG E 412 1.86 -54.37 41.68
CA ARG E 412 2.78 -55.35 42.23
C ARG E 412 4.20 -55.12 41.78
N TYR E 413 4.39 -54.65 40.54
CA TYR E 413 5.75 -54.49 40.01
C TYR E 413 6.56 -53.48 40.82
N CYS E 414 6.02 -52.28 41.02
CA CYS E 414 6.77 -51.25 41.72
C CYS E 414 7.07 -51.69 43.15
N ASP E 415 6.10 -52.32 43.80
CA ASP E 415 6.31 -52.87 45.14
C ASP E 415 7.35 -53.97 45.09
N SER E 416 7.31 -54.78 44.02
CA SER E 416 8.21 -55.93 43.88
C SER E 416 9.67 -55.49 43.94
N LEU E 417 9.99 -54.36 43.30
CA LEU E 417 11.35 -53.84 43.35
C LEU E 417 11.59 -52.97 44.57
N LEU E 418 10.57 -52.23 45.00
CA LEU E 418 10.67 -51.39 46.20
C LEU E 418 10.26 -52.21 47.43
N LYS E 419 11.12 -53.19 47.74
CA LYS E 419 10.95 -54.06 48.88
C LYS E 419 12.31 -54.38 49.47
N LYS E 420 12.35 -54.79 50.72
CA LYS E 420 13.57 -55.35 51.28
C LYS E 420 13.82 -56.70 50.62
N SER E 421 14.99 -56.87 50.01
CA SER E 421 15.32 -58.06 49.24
C SER E 421 16.76 -58.43 49.54
N SER E 422 17.34 -59.27 48.69
CA SER E 422 18.75 -59.65 48.79
C SER E 422 19.62 -58.42 49.01
N LYS E 423 19.56 -57.47 48.08
CA LYS E 423 20.25 -56.19 48.23
C LYS E 423 19.79 -55.20 47.16
N ASN E 424 19.48 -53.98 47.58
CA ASN E 424 19.26 -52.91 46.61
C ASN E 424 20.58 -52.61 45.92
N PRO E 425 20.76 -53.01 44.66
CA PRO E 425 22.10 -53.01 44.07
C PRO E 425 22.62 -51.62 43.69
N GLU E 426 21.76 -50.79 43.10
CA GLU E 426 22.16 -49.47 42.64
C GLU E 426 21.16 -48.43 43.13
N GLU E 427 21.67 -47.27 43.56
CA GLU E 427 20.77 -46.17 43.90
C GLU E 427 20.15 -45.58 42.65
N ALA E 428 20.88 -45.61 41.52
CA ALA E 428 20.36 -45.07 40.28
C ALA E 428 19.18 -45.89 39.77
N GLU E 429 19.31 -47.22 39.78
CA GLU E 429 18.25 -48.09 39.28
C GLU E 429 16.99 -47.88 40.11
N LEU E 430 17.15 -47.47 41.35
CA LEU E 430 16.03 -47.19 42.24
C LEU E 430 15.21 -46.00 41.74
N GLU E 431 15.87 -45.01 41.13
CA GLU E 431 15.14 -43.89 40.56
C GLU E 431 14.57 -44.22 39.18
N ASP E 432 15.43 -44.68 38.27
CA ASP E 432 15.04 -44.79 36.87
C ASP E 432 13.91 -45.77 36.63
N THR E 433 13.92 -46.92 37.31
CA THR E 433 12.82 -47.87 37.18
C THR E 433 11.51 -47.25 37.64
N LEU E 434 11.53 -46.55 38.78
CA LEU E 434 10.35 -45.82 39.22
C LEU E 434 10.00 -44.71 38.24
N ASN E 435 11.02 -44.01 37.72
CA ASN E 435 10.78 -43.01 36.69
C ASN E 435 10.19 -43.64 35.44
N GLN E 436 10.70 -44.81 35.06
CA GLN E 436 10.12 -45.55 33.95
C GLN E 436 8.69 -45.99 34.28
N VAL E 437 8.46 -46.37 35.54
CA VAL E 437 7.10 -46.73 35.98
C VAL E 437 6.17 -45.54 35.84
N MET E 438 6.68 -44.34 36.14
CA MET E 438 5.85 -43.13 36.06
C MET E 438 5.30 -42.91 34.66
N VAL E 439 6.03 -43.35 33.63
CA VAL E 439 5.63 -43.11 32.25
C VAL E 439 4.34 -43.84 31.92
N VAL E 440 4.28 -45.13 32.24
CA VAL E 440 3.15 -45.97 31.85
C VAL E 440 1.96 -45.71 32.77
N PHE E 441 2.19 -44.95 33.85
CA PHE E 441 1.13 -44.63 34.80
C PHE E 441 0.05 -43.79 34.13
N LYS E 442 0.46 -42.82 33.32
CA LYS E 442 -0.45 -41.82 32.78
C LYS E 442 -1.53 -42.45 31.90
N TYR E 443 -1.28 -43.62 31.33
CA TYR E 443 -2.15 -44.20 30.33
C TYR E 443 -3.20 -45.15 30.88
N ILE E 444 -3.19 -45.46 32.18
CA ILE E 444 -4.03 -46.53 32.70
C ILE E 444 -5.49 -46.11 32.81
N GLU E 445 -5.75 -44.80 32.82
CA GLU E 445 -7.10 -44.25 32.73
C GLU E 445 -7.97 -44.58 33.94
N ASP E 446 -7.47 -45.37 34.88
CA ASP E 446 -8.20 -45.72 36.09
C ASP E 446 -7.20 -45.88 37.24
N LYS E 447 -7.02 -44.80 37.99
CA LYS E 447 -6.05 -44.77 39.07
C LYS E 447 -6.52 -45.61 40.26
N ASP E 448 -7.81 -45.53 40.56
CA ASP E 448 -8.40 -46.03 41.80
C ASP E 448 -7.85 -47.38 42.25
N VAL E 449 -7.72 -48.34 41.34
CA VAL E 449 -7.24 -49.67 41.72
C VAL E 449 -5.80 -49.59 42.20
N PHE E 450 -5.00 -48.71 41.59
CA PHE E 450 -3.60 -48.59 41.99
C PHE E 450 -3.49 -48.15 43.45
N GLN E 451 -4.29 -47.16 43.85
CA GLN E 451 -4.27 -46.69 45.23
C GLN E 451 -4.65 -47.82 46.20
N LYS E 452 -5.64 -48.63 45.83
CA LYS E 452 -6.03 -49.75 46.67
C LYS E 452 -4.89 -50.74 46.83
N PHE E 453 -4.47 -51.37 45.74
CA PHE E 453 -3.51 -52.46 45.82
C PHE E 453 -2.15 -52.00 46.30
N TYR E 454 -1.75 -50.77 45.96
CA TYR E 454 -0.50 -50.24 46.50
C TYR E 454 -0.58 -50.11 48.01
N ALA E 455 -1.65 -49.49 48.51
CA ALA E 455 -1.77 -49.22 49.94
C ALA E 455 -1.82 -50.52 50.73
N LYS E 456 -2.54 -51.53 50.23
CA LYS E 456 -2.69 -52.78 50.98
C LYS E 456 -1.35 -53.41 51.30
N MET E 457 -0.53 -53.63 50.28
CA MET E 457 0.77 -54.26 50.52
C MET E 457 1.78 -53.24 51.03
N LEU E 458 1.49 -51.95 50.86
CA LEU E 458 2.29 -50.92 51.49
C LEU E 458 2.21 -51.05 53.01
N ALA E 459 1.01 -51.33 53.51
CA ALA E 459 0.79 -51.53 54.94
C ALA E 459 1.63 -52.69 55.46
N LYS E 460 1.70 -53.77 54.68
CA LYS E 460 2.57 -54.88 55.02
C LYS E 460 4.02 -54.43 55.06
N ARG E 461 4.40 -53.56 54.11
CA ARG E 461 5.78 -53.10 54.03
C ARG E 461 6.15 -52.24 55.23
N LEU E 462 5.31 -51.25 55.55
CA LEU E 462 5.64 -50.30 56.62
C LEU E 462 5.68 -50.99 57.98
N VAL E 463 4.75 -51.90 58.24
CA VAL E 463 4.67 -52.59 59.52
C VAL E 463 5.93 -53.40 59.76
N HIS E 464 6.38 -54.12 58.74
CA HIS E 464 7.53 -55.00 58.86
C HIS E 464 8.84 -54.34 58.44
N GLN E 465 8.81 -53.07 58.04
CA GLN E 465 9.96 -52.29 57.59
C GLN E 465 10.66 -52.95 56.41
N ASN E 466 9.92 -53.63 55.53
CA ASN E 466 10.52 -54.39 54.43
C ASN E 466 10.75 -53.45 53.24
N SER E 467 11.61 -52.47 53.47
CA SER E 467 11.96 -51.50 52.43
C SER E 467 13.30 -50.87 52.80
N ALA E 468 14.03 -50.44 51.77
CA ALA E 468 15.31 -49.78 51.93
C ALA E 468 15.24 -48.36 51.37
N SER E 469 16.12 -47.49 51.85
CA SER E 469 16.20 -46.12 51.35
C SER E 469 14.84 -45.42 51.45
N ASP E 470 14.40 -45.15 52.68
CA ASP E 470 13.05 -44.62 52.93
C ASP E 470 12.70 -43.45 52.02
N ASP E 471 13.71 -42.69 51.57
CA ASP E 471 13.44 -41.52 50.74
C ASP E 471 12.83 -41.94 49.39
N ALA E 472 13.25 -43.09 48.87
CA ALA E 472 12.80 -43.52 47.54
C ALA E 472 11.29 -43.66 47.46
N GLU E 473 10.68 -44.35 48.42
CA GLU E 473 9.22 -44.43 48.45
C GLU E 473 8.63 -43.05 48.70
N ALA E 474 9.20 -42.29 49.64
CA ALA E 474 8.77 -40.91 49.85
C ALA E 474 8.87 -40.11 48.55
N SER E 475 9.86 -40.44 47.72
CA SER E 475 9.95 -39.87 46.39
C SER E 475 8.80 -40.34 45.52
N MET E 476 8.33 -41.56 45.74
CA MET E 476 7.24 -42.09 44.92
C MET E 476 5.93 -41.33 45.14
N ILE E 477 5.54 -41.09 46.40
CA ILE E 477 4.37 -40.24 46.61
C ILE E 477 4.66 -38.82 46.15
N SER E 478 5.93 -38.40 46.18
CA SER E 478 6.27 -37.12 45.58
C SER E 478 6.02 -37.13 44.08
N LYS E 479 6.38 -38.23 43.41
CA LYS E 479 5.94 -38.42 42.03
C LYS E 479 4.42 -38.55 41.95
N LEU E 480 3.83 -39.28 42.90
CA LEU E 480 2.37 -39.31 42.99
C LEU E 480 1.79 -37.93 43.29
N LYS E 481 2.49 -37.12 44.08
CA LYS E 481 2.06 -35.74 44.28
C LYS E 481 2.05 -34.98 42.97
N GLN E 482 3.07 -35.19 42.13
CA GLN E 482 3.06 -34.66 40.78
C GLN E 482 1.92 -35.26 39.96
N ALA E 483 1.67 -36.56 40.09
CA ALA E 483 0.57 -37.21 39.41
C ALA E 483 -0.74 -36.95 40.16
N CYS E 484 -1.78 -37.72 39.84
CA CYS E 484 -3.07 -37.59 40.52
C CYS E 484 -2.93 -37.82 42.02
#